data_8YBF
#
_entry.id   8YBF
#
_cell.length_a   86.156
_cell.length_b   86.156
_cell.length_c   302.936
_cell.angle_alpha   90.000
_cell.angle_beta   90.000
_cell.angle_gamma   90.000
#
_symmetry.space_group_name_H-M   'P 43 21 2'
#
loop_
_entity.id
_entity.type
_entity.pdbx_description
1 polymer 'Hemagglutinin glycoprotein'
2 non-polymer 2-acetamido-2-deoxy-beta-D-glucopyranose
#
_entity_poly.entity_id   1
_entity_poly.type   'polypeptide(L)'
_entity_poly.pdbx_seq_one_letter_code
;IGIRKAIASAANPIRLSALSGGRSDIFPPHRCSGATTSVGKVFPLSVSLSMSLISRASEIINMLTAISDGVYGKTYLLVP
DDIEREFDTQEIRVFEIGFIKRWLNDMPLLQTTNYMVLPENSKAKVCTIAVGELTLASLCVEESTVLLDHDSSGSQDGIL
VVTLGIFGATPMDHIEKVIPVAHPSMEKIHITNHRGFIKDSIATWMVPALASDKQEEQKGCLESACQRKTYPMCNQTSWE
PFGGRQLPSYGRLTLPLDASVDLQLNISFTYGPVILNGDGMDYYESPLLNSGWLTIPPKNGTIFGLINKAGRGDQFTVIP
QVLTFAPRASSGNCYLPIQTSQIIDRDVLIESNLVVLPTQSFRYVIATYDISRSDHAIVYYVYDPIRTISYTHPFRLTTK
GRPDFLRIECFVWDDNLWCHQFYRFEANIANSTTSVENLVRMRFSCN
;
_entity_poly.pdbx_strand_id   A,B
#
# COMPACT_ATOMS: atom_id res chain seq x y z
N LYS A 5 -15.82 15.86 -7.77
CA LYS A 5 -15.06 14.69 -7.36
C LYS A 5 -14.04 15.06 -6.28
N ALA A 6 -13.61 16.33 -6.30
CA ALA A 6 -12.62 16.80 -5.33
C ALA A 6 -13.17 16.74 -3.91
N ILE A 7 -14.38 17.27 -3.71
CA ILE A 7 -14.96 17.28 -2.37
C ILE A 7 -15.54 15.92 -1.99
N ALA A 8 -15.85 15.06 -2.97
CA ALA A 8 -16.29 13.72 -2.66
C ALA A 8 -15.12 12.85 -2.20
N SER A 9 -14.01 12.88 -2.94
CA SER A 9 -12.78 12.25 -2.49
C SER A 9 -12.15 12.97 -1.30
N ALA A 10 -12.77 14.05 -0.82
CA ALA A 10 -12.37 14.71 0.41
C ALA A 10 -13.25 14.34 1.60
N ALA A 11 -14.53 14.05 1.35
CA ALA A 11 -15.42 13.60 2.42
C ALA A 11 -15.07 12.18 2.87
N ASN A 12 -14.51 11.37 1.98
CA ASN A 12 -14.17 9.99 2.27
C ASN A 12 -13.04 9.81 3.28
N PRO A 13 -11.96 10.59 3.24
CA PRO A 13 -10.83 10.33 4.15
C PRO A 13 -10.76 11.19 5.41
N ILE A 14 -11.81 11.95 5.74
CA ILE A 14 -11.74 12.71 6.99
C ILE A 14 -11.83 11.80 8.21
N ARG A 15 -12.40 10.60 8.06
CA ARG A 15 -12.32 9.60 9.11
C ARG A 15 -10.88 9.18 9.35
N LEU A 16 -10.05 9.22 8.31
CA LEU A 16 -8.64 8.86 8.42
C LEU A 16 -7.77 10.01 8.87
N SER A 17 -8.27 11.25 8.79
CA SER A 17 -7.57 12.37 9.39
C SER A 17 -7.65 12.35 10.92
N ALA A 18 -8.40 11.41 11.49
CA ALA A 18 -8.42 11.19 12.93
C ALA A 18 -7.40 10.11 13.31
N PHE A 27 2.70 16.93 26.07
CA PHE A 27 3.72 17.37 25.12
C PHE A 27 4.95 16.46 25.17
N PRO A 28 5.65 16.32 24.05
CA PRO A 28 6.73 15.34 23.94
C PRO A 28 7.76 15.46 25.05
N PRO A 29 8.33 16.64 25.33
CA PRO A 29 9.43 16.71 26.30
C PRO A 29 8.92 16.68 27.74
N HIS A 30 9.88 16.72 28.67
CA HIS A 30 9.61 16.83 30.09
C HIS A 30 9.52 18.30 30.47
N ARG A 31 8.57 18.64 31.33
CA ARG A 31 8.34 20.04 31.68
C ARG A 31 9.41 20.64 32.59
N CYS A 32 10.34 19.83 33.12
CA CYS A 32 11.37 20.33 34.02
C CYS A 32 12.67 19.58 33.78
N SER A 33 13.70 19.96 34.53
CA SER A 33 15.05 19.43 34.34
C SER A 33 15.27 18.15 35.12
N GLY A 34 16.48 17.98 35.66
CA GLY A 34 16.88 16.77 36.35
C GLY A 34 17.50 15.75 35.39
N ALA A 35 17.36 14.47 35.70
CA ALA A 35 17.87 13.43 34.83
C ALA A 35 16.87 13.13 33.73
N THR A 36 17.36 12.95 32.51
CA THR A 36 16.50 12.72 31.34
C THR A 36 16.73 11.31 30.78
N THR A 37 15.66 10.52 30.71
CA THR A 37 15.70 9.17 30.15
C THR A 37 14.94 9.19 28.83
N SER A 38 15.54 8.62 27.79
CA SER A 38 14.92 8.54 26.47
C SER A 38 14.76 7.09 26.04
N VAL A 39 13.54 6.70 25.69
CA VAL A 39 13.24 5.35 25.23
C VAL A 39 12.76 5.42 23.78
N GLY A 40 13.37 4.61 22.92
CA GLY A 40 13.04 4.60 21.50
C GLY A 40 12.42 3.31 21.02
N LYS A 41 11.78 3.36 19.84
CA LYS A 41 11.16 2.19 19.25
C LYS A 41 11.17 2.34 17.73
N VAL A 42 11.39 1.22 17.03
CA VAL A 42 11.29 1.15 15.57
C VAL A 42 10.03 0.38 15.22
N PHE A 43 9.16 0.98 14.41
CA PHE A 43 7.96 0.31 13.92
C PHE A 43 8.16 -0.11 12.47
N PRO A 44 8.34 -1.40 12.19
CA PRO A 44 8.71 -1.80 10.81
C PRO A 44 7.54 -1.96 9.85
N LEU A 45 6.31 -2.14 10.35
CA LEU A 45 5.19 -2.43 9.47
C LEU A 45 4.84 -1.20 8.64
N SER A 46 4.62 -1.43 7.34
CA SER A 46 4.29 -0.35 6.42
C SER A 46 3.72 -0.93 5.13
N VAL A 47 2.63 -0.33 4.65
CA VAL A 47 2.07 -0.66 3.34
C VAL A 47 2.44 0.46 2.38
N SER A 48 3.74 0.64 2.14
CA SER A 48 4.23 1.69 1.25
C SER A 48 4.95 1.05 0.07
N LEU A 49 4.80 1.66 -1.10
CA LEU A 49 5.51 1.19 -2.29
C LEU A 49 7.02 1.23 -2.07
N SER A 50 7.52 2.28 -1.41
CA SER A 50 8.95 2.40 -1.19
C SER A 50 9.50 1.28 -0.32
N MET A 51 8.81 0.95 0.78
CA MET A 51 9.30 -0.11 1.66
C MET A 51 9.18 -1.48 1.01
N SER A 52 8.15 -1.70 0.19
CA SER A 52 8.05 -2.95 -0.55
C SER A 52 9.22 -3.09 -1.53
N LEU A 53 9.56 -2.00 -2.21
CA LEU A 53 10.72 -2.02 -3.11
C LEU A 53 12.02 -2.27 -2.36
N ILE A 54 12.15 -1.66 -1.17
CA ILE A 54 13.36 -1.86 -0.38
C ILE A 54 13.47 -3.32 0.07
N SER A 55 12.34 -3.97 0.35
CA SER A 55 12.37 -5.36 0.79
C SER A 55 12.86 -6.29 -0.32
N ARG A 56 12.57 -5.96 -1.58
CA ARG A 56 13.07 -6.73 -2.72
C ARG A 56 14.46 -6.28 -3.17
N ALA A 57 15.22 -5.63 -2.29
CA ALA A 57 16.60 -5.23 -2.52
C ALA A 57 16.74 -4.20 -3.65
N SER A 58 15.65 -3.57 -4.06
CA SER A 58 15.75 -2.46 -5.00
C SER A 58 16.44 -1.27 -4.34
N GLU A 59 17.07 -0.44 -5.17
CA GLU A 59 17.87 0.69 -4.70
C GLU A 59 17.05 1.96 -4.82
N ILE A 60 16.77 2.61 -3.70
CA ILE A 60 16.07 3.88 -3.66
C ILE A 60 17.08 4.98 -3.39
N ILE A 61 17.01 6.05 -4.20
CA ILE A 61 17.96 7.15 -4.11
C ILE A 61 17.20 8.44 -3.82
N ASN A 62 17.67 9.18 -2.81
CA ASN A 62 17.25 10.57 -2.57
C ASN A 62 15.74 10.66 -2.32
N MET A 63 15.29 9.93 -1.30
CA MET A 63 13.87 9.91 -0.94
C MET A 63 13.56 11.11 -0.04
N LEU A 64 12.76 12.03 -0.56
CA LEU A 64 12.26 13.17 0.21
C LEU A 64 10.82 12.89 0.63
N THR A 65 10.53 13.04 1.91
CA THR A 65 9.22 12.72 2.47
C THR A 65 8.63 13.93 3.18
N ALA A 66 7.34 14.17 2.96
CA ALA A 66 6.61 15.25 3.62
C ALA A 66 5.37 14.68 4.29
N ILE A 67 5.16 15.05 5.55
CA ILE A 67 3.99 14.64 6.32
C ILE A 67 3.29 15.89 6.83
N SER A 68 1.95 15.89 6.77
CA SER A 68 1.20 17.04 7.23
C SER A 68 0.02 16.63 8.11
N ASP A 69 -1.17 16.53 7.51
CA ASP A 69 -2.42 16.39 8.25
C ASP A 69 -2.92 14.94 8.25
N GLY A 70 -2.06 14.00 8.64
CA GLY A 70 -2.36 12.60 8.55
C GLY A 70 -2.13 11.99 7.19
N VAL A 71 -1.80 12.79 6.19
CA VAL A 71 -1.46 12.30 4.85
C VAL A 71 0.05 12.41 4.67
N TYR A 72 0.64 11.39 4.05
CA TYR A 72 2.07 11.40 3.77
C TYR A 72 2.31 11.40 2.27
N GLY A 73 3.47 11.88 1.87
CA GLY A 73 3.86 11.87 0.48
C GLY A 73 5.36 11.78 0.29
N LYS A 74 5.79 10.83 -0.55
CA LYS A 74 7.21 10.62 -0.83
C LYS A 74 7.49 10.87 -2.30
N THR A 75 8.74 11.26 -2.58
CA THR A 75 9.28 11.26 -3.93
C THR A 75 10.71 10.75 -3.86
N TYR A 76 11.11 9.98 -4.87
CA TYR A 76 12.43 9.37 -4.86
C TYR A 76 12.77 8.88 -6.26
N LEU A 77 14.00 8.41 -6.40
CA LEU A 77 14.49 7.80 -7.63
C LEU A 77 14.67 6.30 -7.42
N LEU A 78 14.15 5.51 -8.35
CA LEU A 78 14.26 4.07 -8.31
C LEU A 78 15.30 3.61 -9.33
N VAL A 79 16.19 2.72 -8.89
CA VAL A 79 17.16 2.07 -9.77
C VAL A 79 16.56 0.72 -10.20
N PRO A 80 16.27 0.52 -11.48
CA PRO A 80 15.56 -0.69 -11.90
C PRO A 80 16.46 -1.91 -11.91
N ASP A 81 15.85 -3.05 -12.21
CA ASP A 81 16.50 -4.36 -12.18
C ASP A 81 16.62 -4.88 -13.62
N ASP A 82 17.72 -4.53 -14.28
CA ASP A 82 17.98 -4.90 -15.67
C ASP A 82 16.92 -4.32 -16.61
N ILE A 83 16.29 -3.21 -16.19
CA ILE A 83 15.24 -2.55 -16.96
C ILE A 83 15.68 -1.14 -17.27
N GLU A 84 15.58 -0.75 -18.54
CA GLU A 84 15.65 0.65 -18.94
C GLU A 84 14.41 1.13 -19.66
N ARG A 85 13.52 0.23 -20.06
CA ARG A 85 12.27 0.59 -20.71
C ARG A 85 11.27 -0.56 -20.62
N GLN A 90 18.82 6.68 -16.33
CA GLN A 90 18.71 5.24 -16.10
C GLN A 90 17.97 5.00 -14.79
N GLU A 91 17.48 6.07 -14.19
CA GLU A 91 16.74 6.02 -12.93
C GLU A 91 15.36 6.62 -13.13
N ILE A 92 14.41 6.19 -12.30
CA ILE A 92 12.99 6.44 -12.51
C ILE A 92 12.47 7.29 -11.36
N ARG A 93 11.82 8.40 -11.72
CA ARG A 93 11.21 9.28 -10.73
C ARG A 93 9.86 8.71 -10.30
N VAL A 94 9.66 8.59 -8.99
CA VAL A 94 8.47 7.96 -8.43
C VAL A 94 7.87 8.90 -7.40
N PHE A 95 6.54 9.06 -7.45
CA PHE A 95 5.80 9.82 -6.45
C PHE A 95 4.83 8.89 -5.74
N GLU A 96 4.63 9.16 -4.45
CA GLU A 96 3.86 8.27 -3.59
C GLU A 96 3.09 9.09 -2.57
N ILE A 97 1.83 8.69 -2.32
CA ILE A 97 0.97 9.42 -1.40
C ILE A 97 0.02 8.44 -0.73
N GLY A 98 -0.23 8.66 0.56
CA GLY A 98 -1.13 7.80 1.29
C GLY A 98 -1.46 8.36 2.65
N PHE A 99 -1.99 7.49 3.51
CA PHE A 99 -2.47 7.88 4.84
C PHE A 99 -1.50 7.43 5.94
N ILE A 100 -1.74 7.93 7.14
CA ILE A 100 -1.12 7.41 8.35
C ILE A 100 -2.23 6.84 9.24
N LYS A 101 -2.61 5.60 8.97
CA LYS A 101 -3.72 4.98 9.69
C LYS A 101 -3.25 4.41 11.02
N ARG A 102 -4.20 4.31 11.96
CA ARG A 102 -3.91 3.77 13.29
C ARG A 102 -3.94 2.25 13.23
N TRP A 103 -2.79 1.62 13.41
CA TRP A 103 -2.69 0.17 13.45
C TRP A 103 -2.96 -0.32 14.88
N LEU A 104 -2.90 -1.63 15.07
CA LEU A 104 -2.97 -2.20 16.41
C LEU A 104 -1.83 -1.65 17.26
N ASN A 105 -2.07 -1.59 18.57
CA ASN A 105 -1.18 -0.94 19.53
C ASN A 105 -1.02 0.55 19.23
N ASP A 106 -2.00 1.12 18.52
CA ASP A 106 -2.03 2.55 18.19
C ASP A 106 -0.75 2.99 17.50
N MET A 107 -0.27 2.16 16.57
CA MET A 107 0.96 2.51 15.87
C MET A 107 0.64 3.20 14.54
N PRO A 108 1.44 4.18 14.14
CA PRO A 108 1.22 4.86 12.86
C PRO A 108 1.63 3.96 11.69
N LEU A 109 0.66 3.63 10.85
CA LEU A 109 0.87 2.74 9.71
C LEU A 109 0.68 3.52 8.42
N LEU A 110 1.76 3.70 7.67
CA LEU A 110 1.70 4.37 6.39
C LEU A 110 1.19 3.42 5.31
N GLN A 111 0.03 3.73 4.73
CA GLN A 111 -0.54 2.95 3.64
C GLN A 111 -0.59 3.83 2.39
N THR A 112 0.08 3.38 1.33
CA THR A 112 -0.02 4.06 0.04
C THR A 112 -1.43 3.94 -0.53
N THR A 113 -1.97 5.07 -0.98
CA THR A 113 -3.25 5.09 -1.68
C THR A 113 -3.14 5.47 -3.14
N ASN A 114 -2.05 6.11 -3.56
CA ASN A 114 -1.84 6.43 -4.97
C ASN A 114 -0.36 6.66 -5.20
N TYR A 115 0.09 6.34 -6.42
CA TYR A 115 1.47 6.55 -6.80
C TYR A 115 1.51 6.86 -8.30
N MET A 116 2.68 7.29 -8.76
CA MET A 116 2.84 7.66 -10.16
C MET A 116 4.32 7.63 -10.54
N VAL A 117 4.60 7.18 -11.75
CA VAL A 117 5.95 7.03 -12.27
C VAL A 117 6.11 7.91 -13.50
N LEU A 118 7.28 8.55 -13.64
CA LEU A 118 7.54 9.38 -14.81
C LEU A 118 8.47 8.66 -15.78
N PRO A 119 8.20 8.76 -17.08
CA PRO A 119 9.17 8.29 -18.08
C PRO A 119 10.34 9.26 -18.20
N GLU A 120 11.45 8.76 -18.74
CA GLU A 120 12.64 9.59 -18.92
C GLU A 120 12.51 10.33 -20.25
N ASN A 121 11.97 11.54 -20.15
CA ASN A 121 11.80 12.50 -21.23
C ASN A 121 11.12 13.71 -20.60
N SER A 122 10.53 13.47 -19.43
CA SER A 122 10.11 14.50 -18.49
C SER A 122 11.25 14.96 -17.59
N LYS A 123 12.42 14.32 -17.72
CA LYS A 123 13.66 14.62 -16.99
C LYS A 123 13.43 15.18 -15.58
N ALA A 124 13.22 14.27 -14.62
CA ALA A 124 12.94 14.66 -13.25
C ALA A 124 14.06 14.17 -12.33
N LYS A 125 15.29 14.64 -12.57
CA LYS A 125 16.42 14.21 -11.76
C LYS A 125 16.35 14.76 -10.35
N VAL A 126 15.83 15.98 -10.19
CA VAL A 126 15.74 16.64 -8.89
C VAL A 126 14.30 17.10 -8.73
N CYS A 127 13.66 16.67 -7.64
CA CYS A 127 12.25 16.99 -7.41
C CYS A 127 12.05 17.40 -5.96
N THR A 128 11.27 18.47 -5.77
CA THR A 128 10.83 18.88 -4.45
C THR A 128 9.66 18.00 -4.00
N ILE A 129 9.15 18.26 -2.80
CA ILE A 129 8.05 17.47 -2.25
C ILE A 129 7.24 18.36 -1.32
N ALA A 130 5.92 18.20 -1.39
CA ALA A 130 5.00 18.90 -0.50
C ALA A 130 3.68 18.15 -0.50
N VAL A 131 3.03 18.12 0.67
CA VAL A 131 1.73 17.47 0.80
C VAL A 131 0.80 18.37 1.59
N GLY A 132 -0.49 18.17 1.37
CA GLY A 132 -1.52 18.93 2.05
C GLY A 132 -2.81 18.91 1.26
N GLU A 133 -3.95 18.95 1.96
CA GLU A 133 -5.26 18.96 1.31
C GLU A 133 -5.41 17.77 0.37
N LEU A 134 -4.96 16.61 0.83
CA LEU A 134 -5.06 15.35 0.07
C LEU A 134 -4.37 15.46 -1.29
N THR A 135 -3.29 16.24 -1.36
CA THR A 135 -2.60 16.48 -2.62
C THR A 135 -1.10 16.40 -2.38
N LEU A 136 -0.38 15.95 -3.41
CA LEU A 136 1.07 15.96 -3.43
C LEU A 136 1.53 16.92 -4.51
N ALA A 137 2.44 17.83 -4.15
CA ALA A 137 2.98 18.80 -5.09
C ALA A 137 4.48 18.63 -5.18
N SER A 138 5.03 18.79 -6.37
CA SER A 138 6.45 18.63 -6.60
C SER A 138 6.90 19.49 -7.76
N LEU A 139 8.07 20.11 -7.60
CA LEU A 139 8.73 20.84 -8.67
C LEU A 139 9.98 20.07 -9.08
N CYS A 140 10.08 19.75 -10.37
CA CYS A 140 11.14 18.90 -10.87
C CYS A 140 11.94 19.62 -11.95
N VAL A 141 13.25 19.40 -11.94
CA VAL A 141 14.16 19.95 -12.92
C VAL A 141 15.26 18.92 -13.16
N GLU A 142 15.86 18.97 -14.35
CA GLU A 142 16.97 18.07 -14.64
C GLU A 142 18.26 18.58 -14.01
N GLU A 143 18.62 19.83 -14.30
CA GLU A 143 19.77 20.46 -13.67
C GLU A 143 19.33 21.22 -12.43
N SER A 144 20.16 21.18 -11.39
CA SER A 144 19.79 21.81 -10.12
C SER A 144 19.69 23.32 -10.24
N THR A 145 20.49 23.92 -11.12
CA THR A 145 20.51 25.37 -11.27
C THR A 145 19.56 25.78 -12.39
N VAL A 146 18.52 26.54 -12.04
CA VAL A 146 17.54 27.05 -13.00
C VAL A 146 17.85 28.53 -13.25
N LEU A 147 17.87 28.91 -14.53
CA LEU A 147 18.18 30.29 -14.93
C LEU A 147 16.89 31.06 -15.17
N LEU A 148 16.86 32.31 -14.75
CA LEU A 148 15.61 33.09 -14.73
C LEU A 148 15.73 34.49 -15.33
N ASP A 149 16.39 34.69 -16.49
CA ASP A 149 17.20 33.77 -17.26
C ASP A 149 18.68 34.15 -17.09
N SER A 155 15.12 30.41 -25.75
CA SER A 155 15.63 29.49 -24.74
C SER A 155 15.20 29.91 -23.35
N GLN A 156 14.11 29.32 -22.85
CA GLN A 156 13.57 29.62 -21.53
C GLN A 156 13.62 28.38 -20.67
N ASP A 157 14.25 28.48 -19.51
CA ASP A 157 14.38 27.37 -18.58
C ASP A 157 13.08 27.22 -17.80
N GLY A 158 12.39 26.08 -17.99
CA GLY A 158 11.16 25.80 -17.27
C GLY A 158 11.30 24.69 -16.23
N ILE A 159 10.27 24.62 -15.38
CA ILE A 159 10.21 23.67 -14.28
C ILE A 159 9.02 22.75 -14.49
N LEU A 160 9.18 21.48 -14.15
CA LEU A 160 8.13 20.47 -14.31
C LEU A 160 7.27 20.43 -13.04
N VAL A 161 6.05 20.96 -13.14
CA VAL A 161 5.09 20.88 -12.04
C VAL A 161 4.41 19.52 -12.08
N VAL A 162 4.35 18.85 -10.93
CA VAL A 162 3.76 17.52 -10.81
C VAL A 162 2.86 17.49 -9.58
N THR A 163 1.57 17.25 -9.81
CA THR A 163 0.59 17.16 -8.72
C THR A 163 -0.10 15.80 -8.78
N LEU A 164 -0.30 15.20 -7.61
CA LEU A 164 -0.88 13.87 -7.50
C LEU A 164 -1.96 13.88 -6.44
N GLY A 165 -3.14 13.36 -6.79
CA GLY A 165 -4.24 13.29 -5.85
C GLY A 165 -4.10 12.15 -4.86
N ILE A 166 -4.96 12.17 -3.84
CA ILE A 166 -4.89 11.15 -2.80
C ILE A 166 -5.34 9.79 -3.34
N PHE A 167 -6.20 9.77 -4.35
CA PHE A 167 -6.76 8.52 -4.84
C PHE A 167 -7.11 8.63 -6.31
N GLY A 168 -6.72 7.61 -7.09
CA GLY A 168 -7.07 7.43 -8.48
C GLY A 168 -6.67 8.57 -9.41
N ALA A 169 -7.25 8.51 -10.61
CA ALA A 169 -7.04 9.52 -11.63
C ALA A 169 -8.09 10.61 -11.47
N THR A 170 -7.63 11.84 -11.24
CA THR A 170 -8.49 12.96 -10.92
C THR A 170 -7.96 14.18 -11.66
N PRO A 171 -8.81 15.20 -11.88
CA PRO A 171 -8.29 16.52 -12.30
C PRO A 171 -7.22 17.07 -11.37
N MET A 172 -7.13 16.52 -10.15
CA MET A 172 -6.05 16.91 -9.25
C MET A 172 -4.68 16.58 -9.84
N ASP A 173 -4.60 15.56 -10.69
CA ASP A 173 -3.33 15.13 -11.24
C ASP A 173 -2.85 16.10 -12.33
N HIS A 174 -1.59 16.48 -12.27
CA HIS A 174 -0.99 17.38 -13.25
C HIS A 174 0.45 16.96 -13.52
N ILE A 175 0.83 16.98 -14.79
CA ILE A 175 2.23 16.85 -15.20
C ILE A 175 2.48 17.85 -16.32
N GLU A 176 2.84 19.08 -15.94
CA GLU A 176 3.00 20.18 -16.87
C GLU A 176 4.39 20.78 -16.73
N LYS A 177 4.88 21.35 -17.82
CA LYS A 177 6.16 22.07 -17.82
C LYS A 177 5.85 23.56 -17.84
N VAL A 178 6.12 24.24 -16.73
CA VAL A 178 5.71 25.61 -16.52
C VAL A 178 6.93 26.51 -16.60
N ILE A 179 6.74 27.71 -17.13
CA ILE A 179 7.79 28.74 -17.19
C ILE A 179 7.60 29.65 -15.97
N PRO A 180 8.58 29.75 -15.08
CA PRO A 180 8.38 30.50 -13.85
C PRO A 180 8.28 32.00 -14.10
N VAL A 181 7.44 32.65 -13.29
CA VAL A 181 7.29 34.10 -13.30
C VAL A 181 8.10 34.63 -12.12
N ALA A 182 9.29 35.14 -12.40
CA ALA A 182 10.20 35.62 -11.37
C ALA A 182 10.24 37.15 -11.36
N HIS A 183 10.77 37.69 -10.26
CA HIS A 183 10.94 39.12 -10.06
C HIS A 183 12.11 39.65 -10.87
N PRO A 184 12.01 40.88 -11.39
CA PRO A 184 13.17 41.48 -12.08
C PRO A 184 14.07 42.27 -11.14
N SER A 185 15.30 41.81 -10.96
CA SER A 185 15.77 40.64 -11.70
C SER A 185 16.45 39.60 -10.82
N MET A 186 15.86 38.42 -10.80
CA MET A 186 16.54 37.23 -10.31
C MET A 186 17.26 36.55 -11.46
N GLU A 187 18.38 35.92 -11.15
CA GLU A 187 19.16 35.21 -12.16
C GLU A 187 19.04 33.70 -12.06
N LYS A 188 19.24 33.14 -10.88
CA LYS A 188 19.26 31.70 -10.70
C LYS A 188 18.52 31.31 -9.43
N ILE A 189 18.13 30.02 -9.39
CA ILE A 189 17.74 29.35 -8.16
C ILE A 189 18.40 27.98 -8.19
N HIS A 190 18.61 27.41 -7.01
CA HIS A 190 19.34 26.15 -6.86
C HIS A 190 18.41 25.15 -6.17
N ILE A 191 17.82 24.25 -6.95
CA ILE A 191 16.86 23.27 -6.46
C ILE A 191 17.60 21.98 -6.15
N THR A 192 17.60 21.59 -4.88
CA THR A 192 18.14 20.30 -4.48
C THR A 192 17.10 19.52 -3.68
N ASN A 193 17.30 19.41 -2.37
CA ASN A 193 16.38 18.72 -1.49
C ASN A 193 15.58 19.77 -0.72
N HIS A 194 14.28 19.87 -1.04
CA HIS A 194 13.44 20.92 -0.47
C HIS A 194 12.07 20.35 -0.14
N ARG A 195 11.71 20.36 1.14
CA ARG A 195 10.34 20.11 1.55
C ARG A 195 9.58 21.42 1.64
N GLY A 196 8.40 21.45 1.03
CA GLY A 196 7.49 22.55 1.21
C GLY A 196 6.22 22.06 1.87
N PHE A 197 5.14 22.84 1.79
CA PHE A 197 3.86 22.36 2.28
C PHE A 197 2.74 23.06 1.53
N ILE A 198 1.55 22.51 1.65
CA ILE A 198 0.35 22.99 0.96
C ILE A 198 -0.64 23.48 2.01
N LYS A 199 -1.01 24.75 1.92
CA LYS A 199 -2.01 25.33 2.81
C LYS A 199 -2.80 26.37 2.02
N ASP A 200 -4.10 26.43 2.28
CA ASP A 200 -5.02 27.30 1.55
C ASP A 200 -4.91 27.06 0.05
N SER A 201 -4.79 25.78 -0.32
CA SER A 201 -4.68 25.35 -1.72
C SER A 201 -3.51 26.04 -2.43
N ILE A 202 -2.43 26.28 -1.70
CA ILE A 202 -1.22 26.88 -2.25
C ILE A 202 -0.01 26.12 -1.73
N ALA A 203 0.83 25.65 -2.66
CA ALA A 203 2.06 24.96 -2.32
C ALA A 203 3.23 25.94 -2.35
N THR A 204 4.04 25.93 -1.29
CA THR A 204 5.13 26.86 -1.14
C THR A 204 6.42 26.11 -0.85
N TRP A 205 7.50 26.50 -1.53
CA TRP A 205 8.83 25.98 -1.26
C TRP A 205 9.80 27.12 -1.05
N MET A 206 10.95 26.80 -0.47
CA MET A 206 12.04 27.75 -0.27
C MET A 206 13.32 27.17 -0.80
N VAL A 207 14.04 27.96 -1.60
CA VAL A 207 15.27 27.52 -2.25
C VAL A 207 16.28 28.65 -2.22
N PRO A 208 17.58 28.31 -2.33
CA PRO A 208 18.59 29.36 -2.49
C PRO A 208 18.41 30.06 -3.83
N ALA A 209 18.45 31.39 -3.81
CA ALA A 209 18.25 32.19 -5.00
C ALA A 209 19.44 33.13 -5.22
N LEU A 210 19.43 33.79 -6.37
CA LEU A 210 20.46 34.75 -6.72
C LEU A 210 19.82 35.90 -7.48
N ALA A 211 20.13 37.13 -7.07
CA ALA A 211 19.48 38.30 -7.65
C ALA A 211 20.47 39.45 -7.69
N SER A 212 20.13 40.44 -8.53
CA SER A 212 20.99 41.62 -8.67
C SER A 212 20.77 42.60 -7.53
N ASP A 213 19.55 42.69 -7.01
CA ASP A 213 19.20 43.77 -6.10
C ASP A 213 19.90 43.59 -4.76
N LYS A 214 20.48 44.69 -4.26
CA LYS A 214 21.14 44.72 -2.96
C LYS A 214 22.27 43.71 -2.86
N GLN A 215 22.86 43.32 -4.00
CA GLN A 215 23.94 42.33 -3.95
C GLN A 215 25.23 42.96 -3.44
N GLU A 216 25.64 44.09 -4.03
CA GLU A 216 26.86 44.75 -3.58
C GLU A 216 26.68 45.31 -2.17
N GLU A 217 25.48 45.81 -1.88
CA GLU A 217 25.20 46.35 -0.56
C GLU A 217 25.35 45.28 0.52
N GLN A 218 24.92 44.04 0.22
CA GLN A 218 24.96 42.99 1.21
C GLN A 218 26.35 42.38 1.34
N LYS A 219 27.10 42.28 0.25
CA LYS A 219 28.51 41.91 0.36
C LYS A 219 29.31 43.02 1.01
N GLY A 220 28.94 44.27 0.79
CA GLY A 220 29.59 45.37 1.48
C GLY A 220 29.31 45.37 2.97
N CYS A 221 28.06 45.10 3.36
CA CYS A 221 27.72 44.99 4.77
C CYS A 221 28.42 43.78 5.40
N LEU A 222 28.52 42.68 4.65
CA LEU A 222 29.21 41.50 5.16
C LEU A 222 30.69 41.76 5.31
N GLU A 223 31.30 42.44 4.33
CA GLU A 223 32.73 42.73 4.43
C GLU A 223 33.00 43.76 5.52
N SER A 224 32.07 44.67 5.77
CA SER A 224 32.22 45.58 6.90
C SER A 224 31.95 44.88 8.24
N ALA A 225 31.45 43.64 8.19
CA ALA A 225 31.26 42.80 9.34
C ALA A 225 32.50 41.97 9.64
N CYS A 226 33.26 41.62 8.60
CA CYS A 226 34.48 40.84 8.76
C CYS A 226 35.68 41.70 9.11
N GLN A 227 35.49 43.02 9.23
CA GLN A 227 36.52 43.93 9.71
C GLN A 227 36.61 43.96 11.23
N ARG A 228 35.64 43.36 11.92
CA ARG A 228 35.63 43.28 13.36
C ARG A 228 35.69 41.85 13.89
N LYS A 229 35.44 40.84 13.05
CA LYS A 229 35.43 39.45 13.50
C LYS A 229 35.63 38.56 12.30
N THR A 230 36.62 37.67 12.37
CA THR A 230 36.95 36.80 11.26
C THR A 230 35.95 35.64 11.17
N TYR A 231 35.43 35.40 9.98
CA TYR A 231 34.58 34.25 9.70
C TYR A 231 35.15 33.46 8.54
N PRO A 232 34.93 32.13 8.50
CA PRO A 232 35.54 31.31 7.44
C PRO A 232 34.89 31.51 6.07
N MET A 233 34.44 32.72 5.78
CA MET A 233 33.71 33.03 4.56
C MET A 233 34.22 34.28 3.86
N CYS A 234 34.90 35.16 4.59
CA CYS A 234 35.31 36.45 4.06
C CYS A 234 36.60 36.35 3.26
N ASN A 235 37.30 35.21 3.34
CA ASN A 235 38.36 34.85 2.42
C ASN A 235 37.92 33.85 1.35
N GLN A 236 36.76 33.22 1.53
CA GLN A 236 36.24 32.25 0.57
C GLN A 236 36.07 32.88 -0.81
N THR A 237 36.70 32.29 -1.82
CA THR A 237 36.55 32.76 -3.19
C THR A 237 35.38 32.12 -3.91
N SER A 238 34.71 31.14 -3.32
CA SER A 238 33.57 30.47 -3.94
C SER A 238 32.52 30.25 -2.87
N TRP A 239 31.41 30.99 -2.96
CA TRP A 239 30.32 30.81 -2.01
C TRP A 239 29.40 29.69 -2.48
N GLU A 240 28.55 29.23 -1.57
CA GLU A 240 28.05 27.85 -1.62
C GLU A 240 27.22 27.52 -2.86
N PRO A 241 26.00 28.06 -3.04
CA PRO A 241 25.12 27.51 -4.08
C PRO A 241 25.65 27.77 -5.48
N PHE A 242 26.08 29.01 -5.71
CA PHE A 242 26.58 29.46 -7.00
C PHE A 242 28.05 29.80 -6.86
N GLY A 243 28.87 29.22 -7.73
CA GLY A 243 30.29 29.50 -7.76
C GLY A 243 30.64 30.96 -7.79
N GLY A 244 31.84 31.30 -7.31
CA GLY A 244 32.24 32.69 -7.23
C GLY A 244 31.80 33.35 -5.95
N ARG A 245 31.96 34.67 -5.93
CA ARG A 245 31.62 35.50 -4.77
C ARG A 245 30.25 36.14 -4.91
N GLN A 246 29.25 35.34 -5.26
CA GLN A 246 27.87 35.82 -5.40
C GLN A 246 27.07 35.37 -4.19
N LEU A 247 26.53 36.34 -3.45
CA LEU A 247 25.86 36.01 -2.19
C LEU A 247 24.48 35.42 -2.47
N PRO A 248 24.15 34.25 -1.90
CA PRO A 248 22.81 33.70 -2.08
C PRO A 248 21.78 34.43 -1.25
N SER A 249 20.56 34.50 -1.79
CA SER A 249 19.40 35.02 -1.08
C SER A 249 18.39 33.89 -0.87
N TYR A 250 17.28 34.21 -0.22
CA TYR A 250 16.19 33.27 -0.02
C TYR A 250 15.17 33.43 -1.12
N GLY A 251 14.82 32.34 -1.79
CA GLY A 251 13.84 32.35 -2.86
C GLY A 251 12.59 31.60 -2.44
N ARG A 252 11.44 32.19 -2.73
CA ARG A 252 10.15 31.64 -2.32
C ARG A 252 9.39 31.23 -3.57
N LEU A 253 9.12 29.93 -3.70
CA LEU A 253 8.40 29.39 -4.85
C LEU A 253 6.94 29.19 -4.46
N THR A 254 6.06 29.93 -5.11
CA THR A 254 4.62 29.86 -4.84
C THR A 254 3.92 29.21 -6.02
N LEU A 255 3.10 28.20 -5.74
CA LEU A 255 2.36 27.49 -6.77
C LEU A 255 0.91 27.37 -6.33
N PRO A 256 0.01 28.17 -6.91
CA PRO A 256 -1.42 28.02 -6.61
C PRO A 256 -1.98 26.76 -7.23
N LEU A 257 -2.93 26.15 -6.52
CA LEU A 257 -3.61 24.95 -6.99
C LEU A 257 -5.02 25.24 -7.47
N ASP A 258 -5.32 26.51 -7.72
CA ASP A 258 -6.62 26.88 -8.26
C ASP A 258 -6.76 26.36 -9.70
N ALA A 259 -7.92 25.79 -10.00
CA ALA A 259 -8.28 25.33 -11.33
C ALA A 259 -8.85 26.43 -12.22
N SER A 260 -9.03 27.65 -11.69
CA SER A 260 -9.61 28.72 -12.50
C SER A 260 -8.75 29.04 -13.72
N VAL A 261 -7.43 29.05 -13.54
CA VAL A 261 -6.49 29.24 -14.64
C VAL A 261 -5.38 28.21 -14.50
N ASP A 262 -4.64 28.00 -15.59
CA ASP A 262 -3.55 27.04 -15.58
C ASP A 262 -2.46 27.45 -14.60
N LEU A 263 -1.67 26.46 -14.19
CA LEU A 263 -0.66 26.64 -13.15
C LEU A 263 0.44 27.61 -13.58
N GLN A 264 0.83 28.48 -12.65
CA GLN A 264 1.95 29.41 -12.85
C GLN A 264 2.75 29.50 -11.56
N LEU A 265 4.06 29.59 -11.70
CA LEU A 265 5.00 29.57 -10.58
C LEU A 265 5.59 30.96 -10.35
N ASN A 266 5.08 31.67 -9.33
CA ASN A 266 5.66 32.94 -8.92
C ASN A 266 6.82 32.70 -7.96
N ILE A 267 7.91 33.43 -8.21
CA ILE A 267 9.14 33.29 -7.46
C ILE A 267 9.51 34.66 -6.90
N SER A 268 9.63 34.74 -5.57
CA SER A 268 10.05 35.94 -4.89
C SER A 268 11.41 35.70 -4.24
N PHE A 269 12.02 36.79 -3.76
CA PHE A 269 13.33 36.67 -3.14
C PHE A 269 13.50 37.74 -2.07
N THR A 270 14.30 37.42 -1.06
CA THR A 270 14.63 38.37 0.01
C THR A 270 15.93 37.91 0.65
N TYR A 271 16.69 38.88 1.15
CA TYR A 271 17.91 38.58 1.89
C TYR A 271 17.60 38.41 3.36
N GLY A 272 18.31 37.48 3.99
CA GLY A 272 18.15 37.22 5.41
C GLY A 272 19.48 36.83 6.02
N PRO A 273 19.46 35.91 6.97
CA PRO A 273 20.71 35.36 7.50
C PRO A 273 21.56 34.78 6.37
N VAL A 274 22.89 34.85 6.55
CA VAL A 274 23.79 34.41 5.50
C VAL A 274 23.61 32.92 5.26
N ILE A 275 23.44 32.55 4.00
CA ILE A 275 23.24 31.17 3.61
C ILE A 275 24.60 30.54 3.36
N LEU A 276 24.94 29.51 4.14
CA LEU A 276 26.17 28.77 3.96
C LEU A 276 25.94 27.37 3.41
N ASN A 277 24.70 26.90 3.39
CA ASN A 277 24.35 25.59 2.84
C ASN A 277 23.27 25.77 1.80
N GLY A 278 23.63 25.58 0.53
CA GLY A 278 22.68 25.62 -0.57
C GLY A 278 22.18 24.27 -0.99
N ASP A 279 22.56 23.21 -0.27
CA ASP A 279 22.15 21.85 -0.62
C ASP A 279 21.04 21.39 0.33
N GLY A 280 19.94 22.13 0.27
CA GLY A 280 18.78 21.83 1.09
C GLY A 280 18.19 23.06 1.75
N MET A 281 16.85 23.15 1.72
CA MET A 281 16.15 24.26 2.36
C MET A 281 14.69 23.84 2.48
N ASP A 282 14.30 23.44 3.68
CA ASP A 282 12.96 22.93 3.94
C ASP A 282 12.10 24.02 4.53
N TYR A 283 10.79 23.81 4.48
CA TYR A 283 9.81 24.82 4.87
C TYR A 283 8.64 24.11 5.54
N TYR A 284 8.44 24.39 6.82
CA TYR A 284 7.41 23.73 7.62
C TYR A 284 6.35 24.74 8.03
N GLU A 285 5.14 24.25 8.26
CA GLU A 285 4.04 25.12 8.63
C GLU A 285 4.21 25.61 10.06
N SER A 286 3.68 26.80 10.33
CA SER A 286 3.87 27.45 11.61
C SER A 286 2.52 27.78 12.24
N PRO A 287 2.46 27.86 13.58
CA PRO A 287 1.21 28.29 14.21
C PRO A 287 0.78 29.68 13.79
N LEU A 288 1.73 30.56 13.47
CA LEU A 288 1.35 31.86 12.94
C LEU A 288 0.79 31.70 11.54
N LEU A 289 -0.36 32.30 11.30
CA LEU A 289 -1.00 32.23 9.99
C LEU A 289 -0.22 33.06 8.97
N ASN A 290 -0.11 32.52 7.76
CA ASN A 290 0.62 33.14 6.64
C ASN A 290 2.10 33.33 6.96
N SER A 291 2.65 32.42 7.77
CA SER A 291 4.06 32.40 8.09
C SER A 291 4.51 30.94 8.11
N GLY A 292 5.82 30.74 8.21
CA GLY A 292 6.34 29.39 8.27
C GLY A 292 7.75 29.38 8.80
N TRP A 293 8.30 28.17 8.88
CA TRP A 293 9.67 27.95 9.36
C TRP A 293 10.53 27.53 8.17
N LEU A 294 11.42 28.43 7.75
CA LEU A 294 12.39 28.12 6.70
C LEU A 294 13.66 27.63 7.39
N THR A 295 13.96 26.35 7.21
CA THR A 295 15.10 25.73 7.88
C THR A 295 16.15 25.27 6.87
N ILE A 296 17.41 25.38 7.26
CA ILE A 296 18.54 24.95 6.45
C ILE A 296 19.35 23.98 7.27
N PRO A 297 19.68 22.78 6.74
CA PRO A 297 20.34 21.75 7.55
C PRO A 297 21.81 22.11 7.78
N PRO A 298 22.46 21.51 8.76
CA PRO A 298 23.90 21.74 8.94
C PRO A 298 24.69 20.91 7.94
N LYS A 299 25.93 21.32 7.71
CA LYS A 299 26.78 20.57 6.80
C LYS A 299 28.21 20.52 7.30
N ASN A 300 28.92 19.48 6.88
CA ASN A 300 30.36 19.31 7.10
C ASN A 300 30.83 19.42 8.55
N GLY A 301 29.91 19.60 9.50
CA GLY A 301 30.28 19.80 10.87
C GLY A 301 30.69 21.20 11.25
N THR A 302 30.65 22.15 10.31
CA THR A 302 31.03 23.53 10.58
C THR A 302 29.88 24.49 10.36
N ILE A 303 29.04 24.26 9.36
CA ILE A 303 27.87 25.09 9.12
C ILE A 303 26.78 24.66 10.10
N PHE A 304 26.34 25.58 10.95
CA PHE A 304 25.22 25.30 11.82
C PHE A 304 23.93 25.27 11.02
N GLY A 305 22.95 24.52 11.52
CA GLY A 305 21.61 24.61 10.96
C GLY A 305 20.98 25.96 11.24
N LEU A 306 19.91 26.26 10.52
CA LEU A 306 19.25 27.54 10.68
C LEU A 306 17.74 27.33 10.75
N ILE A 307 17.08 28.18 11.54
CA ILE A 307 15.62 28.24 11.58
C ILE A 307 15.25 29.71 11.42
N ASN A 308 14.43 30.01 10.43
CA ASN A 308 14.02 31.39 10.17
C ASN A 308 12.50 31.48 10.11
N LYS A 309 11.98 32.64 10.50
CA LYS A 309 10.58 32.94 10.22
C LYS A 309 10.50 33.44 8.79
N ALA A 310 9.72 32.75 7.97
CA ALA A 310 9.59 33.10 6.56
C ALA A 310 8.13 33.38 6.25
N GLY A 311 7.87 34.56 5.69
CA GLY A 311 6.52 34.92 5.30
C GLY A 311 6.16 34.28 3.98
N ARG A 312 4.93 33.78 3.89
CA ARG A 312 4.44 33.15 2.68
C ARG A 312 3.32 33.96 2.03
N GLY A 313 3.00 35.12 2.58
CA GLY A 313 1.98 35.98 2.03
C GLY A 313 2.52 36.91 0.97
N ASP A 314 1.97 38.13 0.93
CA ASP A 314 2.39 39.09 -0.09
C ASP A 314 3.82 39.55 0.10
N GLN A 315 4.18 39.98 1.32
CA GLN A 315 5.55 40.34 1.62
C GLN A 315 6.36 39.11 2.01
N PHE A 316 7.57 39.00 1.48
CA PHE A 316 8.45 37.87 1.74
C PHE A 316 9.60 38.36 2.61
N THR A 317 9.57 37.99 3.88
CA THR A 317 10.60 38.39 4.84
C THR A 317 11.14 37.15 5.53
N VAL A 318 12.46 37.03 5.58
CA VAL A 318 13.13 35.93 6.25
C VAL A 318 13.91 36.52 7.42
N ILE A 319 13.50 36.17 8.64
CA ILE A 319 14.11 36.70 9.86
C ILE A 319 14.41 35.54 10.78
N PRO A 320 15.60 35.49 11.39
CA PRO A 320 15.98 34.33 12.21
C PRO A 320 15.06 34.17 13.41
N GLN A 321 14.84 32.90 13.77
CA GLN A 321 14.07 32.53 14.96
C GLN A 321 15.00 32.34 16.15
N VAL A 322 16.03 31.52 15.99
CA VAL A 322 17.07 31.37 17.02
C VAL A 322 18.19 32.33 16.66
N LEU A 323 18.50 33.23 17.58
CA LEU A 323 19.33 34.39 17.28
C LEU A 323 20.82 34.13 17.44
N THR A 324 21.22 32.94 17.89
CA THR A 324 22.62 32.66 18.18
C THR A 324 23.36 31.99 17.03
N PHE A 325 22.65 31.36 16.08
CA PHE A 325 23.28 30.82 14.89
C PHE A 325 23.29 31.80 13.73
N ALA A 326 22.59 32.92 13.84
CA ALA A 326 22.62 34.00 12.86
C ALA A 326 22.32 35.33 13.52
N PRO A 327 23.22 35.89 14.31
CA PRO A 327 22.95 37.20 14.90
C PRO A 327 23.09 38.30 13.85
N ARG A 328 22.41 39.41 14.10
CA ARG A 328 22.48 40.54 13.19
C ARG A 328 23.74 41.36 13.46
N ALA A 329 24.29 41.92 12.39
CA ALA A 329 25.52 42.70 12.49
C ALA A 329 25.23 44.05 13.13
N SER A 330 26.19 44.54 13.92
CA SER A 330 25.99 45.81 14.62
C SER A 330 25.82 46.97 13.65
N SER A 331 26.34 46.85 12.43
CA SER A 331 26.30 47.93 11.45
C SER A 331 25.63 47.41 10.18
N GLY A 332 24.50 47.99 9.83
CA GLY A 332 23.89 47.75 8.54
C GLY A 332 22.75 46.75 8.57
N ASN A 333 22.29 46.41 7.36
CA ASN A 333 21.16 45.51 7.16
C ASN A 333 21.63 44.13 6.72
N CYS A 334 22.50 43.53 7.52
CA CYS A 334 23.03 42.21 7.22
C CYS A 334 23.14 41.40 8.51
N TYR A 335 23.40 40.11 8.37
CA TYR A 335 23.53 39.20 9.49
C TYR A 335 24.95 38.66 9.54
N LEU A 336 25.30 38.08 10.68
CA LEU A 336 26.65 37.56 10.84
C LEU A 336 26.72 36.11 10.38
N PRO A 337 27.70 35.74 9.56
CA PRO A 337 27.85 34.35 9.09
C PRO A 337 28.57 33.47 10.10
N ILE A 338 27.87 33.15 11.19
CA ILE A 338 28.47 32.36 12.26
C ILE A 338 28.78 30.96 11.76
N GLN A 339 30.04 30.58 11.85
CA GLN A 339 30.51 29.27 11.41
C GLN A 339 31.56 28.78 12.39
N THR A 340 32.01 27.54 12.19
CA THR A 340 33.03 26.93 13.03
C THR A 340 34.26 26.64 12.18
N SER A 341 35.43 26.98 12.71
CA SER A 341 36.68 26.68 12.03
C SER A 341 37.04 25.20 12.19
N ARG A 346 34.82 15.19 14.21
CA ARG A 346 33.82 14.49 15.00
C ARG A 346 33.51 13.11 14.40
N ASP A 347 32.76 12.30 15.13
CA ASP A 347 32.33 10.99 14.64
C ASP A 347 30.95 11.04 14.01
N VAL A 348 30.57 12.17 13.41
CA VAL A 348 29.32 12.30 12.67
C VAL A 348 29.66 12.44 11.19
N LEU A 349 29.22 11.47 10.39
CA LEU A 349 29.56 11.43 8.97
C LEU A 349 28.59 12.28 8.15
N ILE A 350 27.29 11.98 8.24
CA ILE A 350 26.25 12.77 7.62
C ILE A 350 25.32 13.28 8.71
N GLU A 351 24.70 14.42 8.45
CA GLU A 351 23.69 14.94 9.37
C GLU A 351 22.74 15.85 8.61
N SER A 352 21.45 15.66 8.86
CA SER A 352 20.37 16.35 8.16
C SER A 352 19.06 15.75 8.67
N ASN A 353 17.94 16.44 8.49
CA ASN A 353 17.73 17.84 8.15
C ASN A 353 17.10 18.54 9.35
N LEU A 354 16.71 19.80 9.17
CA LEU A 354 16.08 20.56 10.25
C LEU A 354 14.56 20.44 10.15
N VAL A 355 13.96 19.83 11.16
CA VAL A 355 12.53 19.59 11.20
C VAL A 355 11.98 20.37 12.38
N VAL A 356 11.12 21.34 12.13
CA VAL A 356 10.43 22.05 13.19
C VAL A 356 9.18 21.26 13.51
N LEU A 357 9.01 20.89 14.78
CA LEU A 357 7.91 20.02 15.14
C LEU A 357 6.59 20.78 15.07
N PRO A 358 5.51 20.11 14.66
CA PRO A 358 4.17 20.74 14.61
C PRO A 358 3.52 20.86 15.99
N THR A 359 4.26 21.44 16.93
CA THR A 359 3.79 21.68 18.29
C THR A 359 3.61 23.18 18.50
N GLN A 360 2.86 23.54 19.54
CA GLN A 360 2.73 24.95 19.88
C GLN A 360 4.01 25.48 20.52
N SER A 361 4.67 24.67 21.35
CA SER A 361 6.00 25.02 21.83
C SER A 361 7.01 24.82 20.70
N PHE A 362 8.00 25.70 20.64
CA PHE A 362 8.97 25.69 19.54
C PHE A 362 10.07 24.69 19.81
N ARG A 363 10.15 23.65 18.99
CA ARG A 363 11.18 22.63 19.08
C ARG A 363 11.56 22.18 17.67
N TYR A 364 12.84 21.86 17.47
CA TYR A 364 13.32 21.37 16.19
C TYR A 364 14.25 20.18 16.40
N VAL A 365 14.39 19.37 15.34
CA VAL A 365 15.05 18.08 15.40
C VAL A 365 16.13 18.00 14.34
N ILE A 366 17.21 17.29 14.65
CA ILE A 366 18.28 16.97 13.72
C ILE A 366 18.80 15.58 14.04
N ALA A 367 19.00 14.76 13.01
CA ALA A 367 19.50 13.40 13.16
C ALA A 367 20.87 13.26 12.52
N THR A 368 21.76 12.51 13.18
CA THR A 368 23.12 12.33 12.73
C THR A 368 23.42 10.84 12.59
N TYR A 369 24.34 10.52 11.67
CA TYR A 369 24.90 9.16 11.58
C TYR A 369 26.16 9.13 12.43
N ASP A 370 26.05 8.59 13.63
CA ASP A 370 27.13 8.62 14.60
C ASP A 370 27.86 7.28 14.62
N ILE A 371 29.19 7.34 14.69
CA ILE A 371 30.03 6.13 14.71
C ILE A 371 30.95 6.13 15.93
N SER A 372 30.63 6.95 16.94
CA SER A 372 31.47 7.04 18.14
C SER A 372 31.32 5.83 19.05
N ARG A 373 30.33 4.97 18.83
CA ARG A 373 30.05 3.85 19.71
C ARG A 373 30.46 2.53 19.07
N SER A 374 30.29 1.46 19.84
CA SER A 374 30.66 0.13 19.36
C SER A 374 29.91 -0.22 18.08
N ASP A 375 28.64 0.18 17.99
CA ASP A 375 27.87 0.08 16.77
C ASP A 375 27.59 1.48 16.24
N HIS A 376 27.30 1.56 14.94
CA HIS A 376 26.81 2.80 14.38
C HIS A 376 25.41 3.11 14.90
N ALA A 377 25.03 4.38 14.81
CA ALA A 377 23.74 4.80 15.35
C ALA A 377 23.20 5.97 14.55
N ILE A 378 21.86 6.06 14.52
CA ILE A 378 21.16 7.25 14.08
C ILE A 378 20.71 8.00 15.33
N VAL A 379 21.40 9.09 15.65
CA VAL A 379 21.19 9.81 16.90
C VAL A 379 20.35 11.05 16.61
N TYR A 380 19.20 11.14 17.27
CA TYR A 380 18.32 12.29 17.16
C TYR A 380 18.65 13.32 18.23
N TYR A 381 18.60 14.59 17.85
CA TYR A 381 18.73 15.70 18.79
C TYR A 381 17.48 16.57 18.70
N VAL A 382 16.78 16.73 19.82
CA VAL A 382 15.58 17.54 19.88
C VAL A 382 15.90 18.78 20.70
N TYR A 383 15.91 19.93 20.04
CA TYR A 383 16.34 21.18 20.66
C TYR A 383 15.13 22.01 21.09
N ASP A 384 15.09 22.34 22.38
CA ASP A 384 14.19 23.37 22.86
C ASP A 384 15.05 24.60 23.14
N PRO A 385 15.18 25.51 22.19
CA PRO A 385 16.18 26.58 22.32
C PRO A 385 15.78 27.70 23.25
N ILE A 386 14.47 27.89 23.49
CA ILE A 386 14.02 28.95 24.39
C ILE A 386 14.58 28.72 25.79
N ARG A 387 14.37 27.53 26.34
CA ARG A 387 14.93 27.16 27.64
C ARG A 387 16.35 26.61 27.54
N THR A 388 16.93 26.57 26.34
CA THR A 388 18.31 26.15 26.12
C THR A 388 18.54 24.72 26.62
N ILE A 389 17.69 23.80 26.17
CA ILE A 389 17.78 22.39 26.51
C ILE A 389 17.73 21.58 25.22
N SER A 390 18.39 20.43 25.23
CA SER A 390 18.44 19.55 24.06
C SER A 390 18.42 18.10 24.53
N TYR A 391 17.41 17.35 24.08
CA TYR A 391 17.32 15.93 24.36
C TYR A 391 17.96 15.13 23.23
N THR A 392 18.46 13.95 23.58
CA THR A 392 19.16 13.11 22.61
C THR A 392 18.77 11.64 22.82
N HIS A 393 18.72 10.90 21.72
CA HIS A 393 18.50 9.47 21.76
C HIS A 393 19.15 8.81 20.55
N PRO A 394 19.93 7.75 20.76
CA PRO A 394 20.52 7.03 19.62
C PRO A 394 19.70 5.81 19.22
N PHE A 395 19.67 5.51 17.93
CA PHE A 395 19.07 4.27 17.42
C PHE A 395 20.21 3.41 16.88
N ARG A 396 20.65 2.45 17.68
CA ARG A 396 21.81 1.64 17.32
C ARG A 396 21.49 0.75 16.14
N LEU A 397 22.47 0.61 15.24
CA LEU A 397 22.30 -0.09 13.98
C LEU A 397 23.07 -1.39 14.00
N THR A 398 22.38 -2.50 13.72
CA THR A 398 23.07 -3.78 13.55
C THR A 398 23.99 -3.75 12.33
N THR A 399 23.64 -2.95 11.33
CA THR A 399 24.48 -2.85 10.15
C THR A 399 25.60 -1.83 10.38
N LYS A 400 26.64 -1.92 9.57
CA LYS A 400 27.73 -0.96 9.61
C LYS A 400 28.13 -0.58 8.20
N GLY A 401 28.64 0.64 8.09
CA GLY A 401 28.98 1.27 6.83
C GLY A 401 28.91 2.77 7.02
N ARG A 402 29.13 3.50 5.92
CA ARG A 402 29.08 4.96 6.01
C ARG A 402 28.14 5.53 4.96
N PRO A 403 27.26 6.45 5.34
CA PRO A 403 26.15 6.88 4.47
C PRO A 403 26.48 8.04 3.56
N ASP A 404 25.73 8.11 2.46
CA ASP A 404 25.77 9.25 1.56
C ASP A 404 24.54 10.14 1.67
N PHE A 405 23.49 9.70 2.37
CA PHE A 405 22.25 10.45 2.47
C PHE A 405 21.54 10.09 3.77
N LEU A 406 20.92 11.09 4.39
CA LEU A 406 20.10 10.91 5.58
C LEU A 406 18.99 11.96 5.54
N ARG A 407 17.76 11.53 5.80
CA ARG A 407 16.60 12.41 5.66
C ARG A 407 15.56 12.03 6.70
N ILE A 408 15.11 13.02 7.47
CA ILE A 408 14.12 12.79 8.52
C ILE A 408 12.92 13.70 8.26
N GLU A 409 11.76 13.20 8.64
CA GLU A 409 10.50 13.95 8.59
C GLU A 409 9.68 13.52 9.79
N CYS A 410 9.47 14.43 10.74
CA CYS A 410 8.92 14.09 12.04
C CYS A 410 7.51 14.65 12.21
N PHE A 411 6.74 13.98 13.07
CA PHE A 411 5.36 14.35 13.34
C PHE A 411 5.01 13.89 14.74
N VAL A 412 3.90 14.40 15.26
CA VAL A 412 3.43 14.07 16.60
C VAL A 412 2.26 13.10 16.48
N TRP A 413 2.29 12.04 17.28
CA TRP A 413 1.28 10.99 17.19
C TRP A 413 1.06 10.44 18.60
N ASP A 414 -0.14 10.67 19.15
CA ASP A 414 -0.48 10.25 20.52
C ASP A 414 0.49 10.82 21.55
N ASP A 415 0.64 12.15 21.53
CA ASP A 415 1.51 12.88 22.45
C ASP A 415 2.94 12.34 22.43
N ASN A 416 3.37 11.80 21.29
CA ASN A 416 4.71 11.24 21.16
C ASN A 416 5.38 11.75 19.90
N LEU A 417 6.71 11.80 19.96
CA LEU A 417 7.52 12.25 18.83
C LEU A 417 7.82 11.07 17.92
N TRP A 418 7.34 11.13 16.68
CA TRP A 418 7.59 10.12 15.67
C TRP A 418 8.37 10.74 14.52
N CYS A 419 9.29 9.97 13.96
CA CYS A 419 10.07 10.45 12.82
C CYS A 419 10.21 9.37 11.76
N HIS A 420 9.87 9.73 10.53
CA HIS A 420 10.20 8.92 9.37
C HIS A 420 11.64 9.22 8.98
N GLN A 421 12.50 8.20 9.01
CA GLN A 421 13.89 8.36 8.62
C GLN A 421 14.18 7.47 7.42
N PHE A 422 14.87 8.04 6.44
CA PHE A 422 15.39 7.30 5.30
C PHE A 422 16.86 7.67 5.14
N TYR A 423 17.73 6.67 5.17
CA TYR A 423 19.14 6.89 4.94
C TYR A 423 19.65 5.86 3.94
N ARG A 424 20.71 6.25 3.22
CA ARG A 424 21.30 5.43 2.18
C ARG A 424 22.79 5.33 2.49
N PHE A 425 23.30 4.11 2.60
CA PHE A 425 24.67 3.89 3.03
C PHE A 425 25.29 2.76 2.22
N GLU A 426 26.61 2.82 2.08
CA GLU A 426 27.39 1.79 1.43
C GLU A 426 28.19 1.06 2.50
N ALA A 427 28.14 -0.27 2.48
CA ALA A 427 28.71 -1.04 3.58
C ALA A 427 30.23 -1.15 3.44
N ASN A 428 30.89 -1.36 4.57
CA ASN A 428 32.34 -1.54 4.57
C ASN A 428 32.76 -2.85 3.94
N ILE A 429 31.90 -3.86 3.93
CA ILE A 429 32.26 -5.20 3.46
C ILE A 429 31.58 -5.59 2.16
N ALA A 430 30.60 -4.83 1.71
CA ALA A 430 29.82 -5.13 0.51
C ALA A 430 30.26 -4.23 -0.64
N ASN A 431 29.68 -4.47 -1.81
CA ASN A 431 29.95 -3.67 -3.00
C ASN A 431 28.84 -2.70 -3.35
N SER A 432 27.59 -2.99 -2.98
CA SER A 432 26.45 -2.18 -3.36
C SER A 432 26.01 -1.27 -2.22
N THR A 433 25.14 -0.32 -2.56
CA THR A 433 24.65 0.69 -1.62
C THR A 433 23.27 0.28 -1.14
N THR A 434 23.08 0.27 0.18
CA THR A 434 21.82 -0.14 0.79
C THR A 434 20.98 1.08 1.18
N SER A 435 19.68 0.98 0.96
CA SER A 435 18.73 2.00 1.37
C SER A 435 17.90 1.46 2.54
N VAL A 436 17.68 2.32 3.54
CA VAL A 436 16.94 1.94 4.74
C VAL A 436 15.88 3.00 5.00
N GLU A 437 14.69 2.55 5.42
CA GLU A 437 13.58 3.45 5.70
C GLU A 437 12.69 2.83 6.76
N ASN A 438 12.39 3.59 7.81
CA ASN A 438 11.53 3.08 8.89
C ASN A 438 11.03 4.24 9.73
N LEU A 439 10.04 3.96 10.56
CA LEU A 439 9.48 4.91 11.51
C LEU A 439 10.08 4.67 12.89
N VAL A 440 10.41 5.74 13.59
CA VAL A 440 10.96 5.65 14.94
C VAL A 440 10.16 6.56 15.88
N ARG A 441 10.10 6.16 17.14
CA ARG A 441 9.44 6.93 18.18
C ARG A 441 10.40 7.17 19.34
N MET A 442 10.27 8.34 19.96
CA MET A 442 11.12 8.74 21.09
C MET A 442 10.25 9.31 22.21
N ARG A 443 10.41 8.78 23.42
CA ARG A 443 9.76 9.32 24.60
C ARG A 443 10.80 9.80 25.59
N PHE A 444 10.48 10.87 26.32
CA PHE A 444 11.39 11.50 27.24
C PHE A 444 10.73 11.66 28.60
N SER A 445 11.44 11.26 29.65
CA SER A 445 10.87 11.19 31.00
C SER A 445 11.99 11.46 32.02
N CYS A 446 11.65 11.31 33.30
CA CYS A 446 12.61 11.56 34.37
C CYS A 446 13.13 10.26 34.98
N GLY B 2 -19.94 15.36 -9.33
CA GLY B 2 -19.46 14.80 -8.08
C GLY B 2 -20.42 15.03 -6.92
N ILE B 3 -21.71 14.87 -7.18
CA ILE B 3 -22.71 15.06 -6.13
C ILE B 3 -22.76 13.86 -5.20
N ARG B 4 -22.43 12.67 -5.69
CA ARG B 4 -22.43 11.46 -4.88
C ARG B 4 -21.05 10.82 -4.91
N LYS B 5 -20.60 10.38 -3.73
CA LYS B 5 -19.26 9.80 -3.62
C LYS B 5 -19.15 8.50 -4.40
N ALA B 6 -20.25 7.77 -4.58
CA ALA B 6 -20.18 6.49 -5.28
C ALA B 6 -19.73 6.66 -6.72
N ILE B 7 -20.35 7.60 -7.45
CA ILE B 7 -19.99 7.82 -8.84
C ILE B 7 -18.72 8.66 -8.97
N ALA B 8 -18.39 9.46 -7.95
CA ALA B 8 -17.14 10.19 -7.97
C ALA B 8 -15.97 9.26 -7.68
N SER B 9 -16.08 8.46 -6.62
CA SER B 9 -15.11 7.40 -6.37
C SER B 9 -15.20 6.27 -7.40
N ALA B 10 -16.08 6.38 -8.39
CA ALA B 10 -16.09 5.48 -9.53
C ALA B 10 -15.49 6.08 -10.78
N ALA B 11 -15.60 7.40 -10.96
CA ALA B 11 -14.99 8.03 -12.13
C ALA B 11 -13.47 8.04 -12.03
N ASN B 12 -12.93 8.12 -10.82
CA ASN B 12 -11.48 8.16 -10.62
C ASN B 12 -10.79 6.83 -10.88
N PRO B 13 -11.32 5.68 -10.41
CA PRO B 13 -10.57 4.42 -10.57
C PRO B 13 -11.02 3.50 -11.70
N ILE B 14 -12.25 3.67 -12.20
CA ILE B 14 -12.67 2.84 -13.34
C ILE B 14 -11.76 3.10 -14.55
N ARG B 15 -11.15 4.29 -14.62
CA ARG B 15 -10.07 4.49 -15.58
C ARG B 15 -8.87 3.61 -15.26
N LEU B 16 -8.63 3.34 -13.97
CA LEU B 16 -7.51 2.50 -13.57
C LEU B 16 -7.87 1.02 -13.51
N SER B 17 -9.15 0.68 -13.30
CA SER B 17 -9.57 -0.71 -13.42
C SER B 17 -9.74 -1.15 -14.87
N ALA B 18 -9.65 -0.23 -15.82
CA ALA B 18 -9.67 -0.55 -17.24
C ALA B 18 -8.27 -0.70 -17.82
N LEU B 19 -7.24 -0.51 -16.98
CA LEU B 19 -5.86 -0.71 -17.40
C LEU B 19 -5.61 -2.16 -17.83
N SER B 20 -6.38 -3.11 -17.30
CA SER B 20 -6.24 -4.53 -17.62
C SER B 20 -7.04 -4.82 -18.87
N GLY B 21 -6.38 -4.72 -20.03
CA GLY B 21 -7.01 -4.97 -21.31
C GLY B 21 -6.25 -6.03 -22.10
N GLY B 22 -6.96 -6.72 -22.97
CA GLY B 22 -6.36 -7.78 -23.79
C GLY B 22 -7.38 -8.66 -24.47
N PRO B 28 -1.88 -20.10 -24.50
CA PRO B 28 -2.98 -20.91 -25.02
C PRO B 28 -2.94 -21.06 -26.54
N PRO B 29 -1.96 -21.78 -27.05
CA PRO B 29 -1.76 -21.86 -28.50
C PRO B 29 -2.64 -22.94 -29.12
N HIS B 30 -2.50 -23.09 -30.44
CA HIS B 30 -3.28 -24.06 -31.21
C HIS B 30 -2.44 -25.32 -31.38
N ARG B 31 -2.63 -26.26 -30.46
CA ARG B 31 -1.90 -27.54 -30.45
C ARG B 31 -0.40 -27.33 -30.43
N CYS B 32 0.37 -28.42 -30.57
CA CYS B 32 1.83 -28.34 -30.54
C CYS B 32 2.44 -29.64 -31.05
N SER B 33 3.40 -29.53 -31.98
CA SER B 33 4.10 -30.70 -32.50
C SER B 33 5.15 -31.12 -31.47
N GLY B 34 4.94 -32.28 -30.86
CA GLY B 34 5.89 -32.75 -29.87
C GLY B 34 5.55 -32.33 -28.46
N ALA B 35 6.58 -32.07 -27.66
CA ALA B 35 6.42 -31.67 -26.27
C ALA B 35 6.08 -30.19 -26.18
N THR B 36 5.28 -29.85 -25.16
CA THR B 36 4.83 -28.49 -24.93
C THR B 36 5.57 -27.94 -23.72
N THR B 37 6.18 -26.78 -23.89
CA THR B 37 7.04 -26.19 -22.88
C THR B 37 6.30 -25.10 -22.13
N SER B 38 6.38 -25.15 -20.80
CA SER B 38 5.75 -24.18 -19.91
C SER B 38 6.84 -23.50 -19.09
N VAL B 39 6.86 -22.17 -19.13
CA VAL B 39 7.82 -21.36 -18.38
C VAL B 39 7.06 -20.55 -17.35
N GLY B 40 7.53 -20.63 -16.10
CA GLY B 40 6.85 -19.94 -15.01
C GLY B 40 7.69 -18.83 -14.40
N LYS B 41 7.04 -17.93 -13.66
CA LYS B 41 7.74 -16.84 -13.00
C LYS B 41 6.99 -16.47 -11.73
N VAL B 42 7.73 -16.10 -10.69
CA VAL B 42 7.16 -15.59 -9.46
C VAL B 42 7.42 -14.09 -9.40
N PHE B 43 6.36 -13.31 -9.24
CA PHE B 43 6.50 -11.87 -9.07
C PHE B 43 6.34 -11.54 -7.59
N PRO B 44 7.43 -11.22 -6.88
CA PRO B 44 7.32 -11.05 -5.42
C PRO B 44 6.85 -9.68 -4.99
N LEU B 45 6.96 -8.66 -5.85
CA LEU B 45 6.63 -7.31 -5.44
C LEU B 45 5.12 -7.16 -5.24
N SER B 46 4.76 -6.51 -4.14
CA SER B 46 3.35 -6.29 -3.81
C SER B 46 3.25 -5.20 -2.75
N VAL B 47 2.33 -4.27 -2.96
CA VAL B 47 2.02 -3.26 -1.96
C VAL B 47 0.71 -3.65 -1.30
N SER B 48 0.69 -4.81 -0.64
CA SER B 48 -0.49 -5.32 0.03
C SER B 48 -0.24 -5.41 1.53
N LEU B 49 -1.28 -5.13 2.31
CA LEU B 49 -1.16 -5.26 3.76
C LEU B 49 -0.83 -6.69 4.16
N SER B 50 -1.43 -7.68 3.47
CA SER B 50 -1.16 -9.07 3.79
C SER B 50 0.30 -9.42 3.55
N MET B 51 0.88 -8.93 2.45
CA MET B 51 2.27 -9.22 2.15
C MET B 51 3.21 -8.54 3.14
N SER B 52 2.84 -7.33 3.59
CA SER B 52 3.63 -6.64 4.61
C SER B 52 3.60 -7.39 5.94
N LEU B 53 2.43 -7.90 6.33
CA LEU B 53 2.33 -8.66 7.58
C LEU B 53 3.15 -9.95 7.50
N ILE B 54 3.12 -10.62 6.34
CA ILE B 54 3.92 -11.82 6.16
C ILE B 54 5.41 -11.50 6.19
N SER B 55 5.79 -10.31 5.72
CA SER B 55 7.21 -9.94 5.68
C SER B 55 7.79 -9.80 7.08
N ARG B 56 7.01 -9.34 8.06
CA ARG B 56 7.47 -9.26 9.43
C ARG B 56 7.27 -10.56 10.20
N ALA B 57 7.13 -11.68 9.49
CA ALA B 57 6.99 -13.02 10.04
C ALA B 57 5.72 -13.20 10.86
N SER B 58 4.78 -12.27 10.77
CA SER B 58 3.47 -12.50 11.36
C SER B 58 2.75 -13.59 10.56
N GLU B 59 1.86 -14.32 11.24
CA GLU B 59 1.20 -15.47 10.64
C GLU B 59 -0.21 -15.11 10.20
N ILE B 60 -0.47 -15.29 8.91
CA ILE B 60 -1.79 -15.08 8.31
C ILE B 60 -2.45 -16.44 8.15
N ILE B 61 -3.71 -16.54 8.55
CA ILE B 61 -4.45 -17.80 8.54
C ILE B 61 -5.64 -17.68 7.60
N ASN B 62 -5.78 -18.65 6.69
CA ASN B 62 -6.99 -18.84 5.90
C ASN B 62 -7.30 -17.60 5.05
N MET B 63 -6.33 -17.22 4.21
CA MET B 63 -6.47 -16.05 3.36
C MET B 63 -7.24 -16.43 2.10
N LEU B 64 -8.45 -15.88 1.97
CA LEU B 64 -9.26 -16.06 0.77
C LEU B 64 -9.16 -14.80 -0.07
N THR B 65 -8.83 -14.96 -1.35
CA THR B 65 -8.61 -13.83 -2.25
C THR B 65 -9.52 -13.96 -3.46
N ALA B 66 -10.12 -12.83 -3.85
CA ALA B 66 -10.98 -12.77 -5.03
C ALA B 66 -10.48 -11.66 -5.94
N ILE B 67 -10.36 -11.96 -7.22
CA ILE B 67 -9.93 -11.01 -8.23
C ILE B 67 -10.99 -10.95 -9.33
N SER B 68 -11.31 -9.75 -9.79
CA SER B 68 -12.32 -9.59 -10.82
C SER B 68 -11.89 -8.60 -11.90
N ASP B 69 -12.33 -7.36 -11.78
CA ASP B 69 -12.22 -6.36 -12.86
C ASP B 69 -11.05 -5.42 -12.62
N GLY B 70 -9.86 -5.99 -12.39
CA GLY B 70 -8.72 -5.21 -11.99
C GLY B 70 -8.69 -4.85 -10.52
N VAL B 71 -9.75 -5.19 -9.78
CA VAL B 71 -9.82 -4.98 -8.34
C VAL B 71 -9.64 -6.32 -7.66
N TYR B 72 -8.88 -6.33 -6.57
CA TYR B 72 -8.67 -7.52 -5.77
C TYR B 72 -9.22 -7.31 -4.37
N GLY B 73 -9.52 -8.41 -3.70
CA GLY B 73 -9.98 -8.35 -2.33
C GLY B 73 -9.63 -9.58 -1.52
N LYS B 74 -9.03 -9.38 -0.36
CA LYS B 74 -8.63 -10.48 0.51
C LYS B 74 -9.36 -10.39 1.83
N THR B 75 -9.52 -11.55 2.46
CA THR B 75 -9.93 -11.64 3.86
C THR B 75 -9.09 -12.75 4.51
N TYR B 76 -8.70 -12.54 5.75
CA TYR B 76 -7.81 -13.48 6.42
C TYR B 76 -7.83 -13.22 7.92
N LEU B 77 -7.15 -14.10 8.65
CA LEU B 77 -6.96 -13.95 10.09
C LEU B 77 -5.50 -13.61 10.36
N LEU B 78 -5.27 -12.56 11.15
CA LEU B 78 -3.94 -12.16 11.58
C LEU B 78 -3.78 -12.51 13.04
N VAL B 79 -2.67 -13.17 13.38
CA VAL B 79 -2.32 -13.42 14.78
C VAL B 79 -1.30 -12.35 15.21
N PRO B 80 -1.67 -11.43 16.10
CA PRO B 80 -0.73 -10.37 16.50
C PRO B 80 0.23 -10.84 17.58
N ASP B 81 1.04 -9.94 18.15
CA ASP B 81 1.90 -10.26 19.28
C ASP B 81 1.63 -9.25 20.40
N ASP B 82 0.40 -9.28 20.91
CA ASP B 82 0.01 -8.48 22.08
C ASP B 82 -1.37 -8.90 22.58
N PHE B 87 -9.22 -14.15 26.35
CA PHE B 87 -10.57 -14.68 26.34
C PHE B 87 -10.62 -16.06 25.67
N ASP B 88 -9.95 -16.18 24.52
CA ASP B 88 -9.98 -17.43 23.76
C ASP B 88 -8.69 -17.65 22.97
N THR B 89 -8.51 -16.89 21.88
CA THR B 89 -7.37 -17.19 21.00
C THR B 89 -6.19 -16.24 21.23
N GLN B 90 -6.17 -15.00 20.74
CA GLN B 90 -7.01 -14.09 19.94
C GLN B 90 -6.52 -14.02 18.50
N GLU B 91 -7.45 -14.11 17.55
CA GLU B 91 -7.16 -13.90 16.13
C GLU B 91 -8.05 -12.79 15.60
N ILE B 92 -7.55 -12.08 14.58
CA ILE B 92 -8.14 -10.83 14.12
C ILE B 92 -8.57 -10.98 12.67
N ARG B 93 -9.83 -10.67 12.39
CA ARG B 93 -10.36 -10.68 11.03
C ARG B 93 -9.97 -9.40 10.31
N VAL B 94 -9.38 -9.54 9.12
CA VAL B 94 -8.87 -8.41 8.35
C VAL B 94 -9.44 -8.49 6.94
N PHE B 95 -9.90 -7.34 6.43
CA PHE B 95 -10.37 -7.21 5.06
C PHE B 95 -9.48 -6.24 4.30
N GLU B 96 -9.28 -6.52 3.02
CA GLU B 96 -8.34 -5.77 2.21
C GLU B 96 -8.87 -5.69 0.78
N ILE B 97 -8.73 -4.52 0.16
CA ILE B 97 -9.20 -4.29 -1.20
C ILE B 97 -8.28 -3.28 -1.88
N GLY B 98 -8.00 -3.53 -3.14
CA GLY B 98 -7.16 -2.62 -3.89
C GLY B 98 -7.16 -2.93 -5.37
N PHE B 99 -6.17 -2.39 -6.06
CA PHE B 99 -6.06 -2.50 -7.51
C PHE B 99 -4.99 -3.50 -7.90
N ILE B 100 -4.98 -3.84 -9.19
CA ILE B 100 -3.86 -4.54 -9.82
C ILE B 100 -3.27 -3.60 -10.87
N LYS B 101 -2.39 -2.70 -10.44
CA LYS B 101 -1.85 -1.70 -11.33
C LYS B 101 -0.68 -2.27 -12.14
N ARG B 102 -0.47 -1.70 -13.32
CA ARG B 102 0.60 -2.15 -14.20
C ARG B 102 1.91 -1.53 -13.72
N TRP B 103 2.81 -2.38 -13.21
CA TRP B 103 4.12 -1.94 -12.78
C TRP B 103 5.07 -1.93 -13.98
N LEU B 104 6.33 -1.57 -13.74
CA LEU B 104 7.35 -1.67 -14.77
C LEU B 104 7.44 -3.11 -15.26
N ASN B 105 7.84 -3.26 -16.53
CA ASN B 105 7.86 -4.55 -17.23
C ASN B 105 6.46 -5.18 -17.31
N ASP B 106 5.41 -4.36 -17.23
CA ASP B 106 4.02 -4.79 -17.34
C ASP B 106 3.69 -5.90 -16.34
N MET B 107 4.18 -5.75 -15.11
CA MET B 107 3.90 -6.78 -14.13
C MET B 107 2.69 -6.41 -13.27
N PRO B 108 1.86 -7.38 -12.90
CA PRO B 108 0.70 -7.08 -12.05
C PRO B 108 1.12 -6.79 -10.62
N LEU B 109 0.86 -5.57 -10.16
CA LEU B 109 1.24 -5.12 -8.84
C LEU B 109 -0.02 -4.85 -8.03
N LEU B 110 -0.24 -5.65 -6.98
CA LEU B 110 -1.37 -5.46 -6.10
C LEU B 110 -1.08 -4.33 -5.13
N GLN B 111 -1.87 -3.26 -5.21
CA GLN B 111 -1.76 -2.11 -4.32
C GLN B 111 -3.02 -2.02 -3.48
N THR B 112 -2.87 -2.13 -2.16
CA THR B 112 -3.99 -1.92 -1.27
C THR B 112 -4.42 -0.46 -1.31
N THR B 113 -5.73 -0.23 -1.46
CA THR B 113 -6.29 1.11 -1.39
C THR B 113 -7.19 1.32 -0.19
N ASN B 114 -7.68 0.24 0.43
CA ASN B 114 -8.47 0.34 1.64
C ASN B 114 -8.40 -1.00 2.36
N TYR B 115 -8.48 -0.94 3.69
CA TYR B 115 -8.52 -2.14 4.51
C TYR B 115 -9.34 -1.84 5.75
N MET B 116 -9.63 -2.90 6.52
CA MET B 116 -10.46 -2.75 7.70
C MET B 116 -10.24 -3.96 8.61
N VAL B 117 -10.24 -3.70 9.91
CA VAL B 117 -10.01 -4.72 10.93
C VAL B 117 -11.28 -4.81 11.79
N LEU B 118 -11.64 -6.04 12.15
CA LEU B 118 -12.85 -6.17 12.97
C LEU B 118 -12.50 -6.40 14.44
N PRO B 119 -13.24 -5.79 15.35
CA PRO B 119 -13.11 -6.14 16.76
C PRO B 119 -13.71 -7.50 17.05
N GLU B 120 -13.47 -7.97 18.27
CA GLU B 120 -13.82 -9.35 18.63
C GLU B 120 -15.24 -9.49 19.18
N ASN B 121 -16.01 -8.42 19.26
CA ASN B 121 -17.43 -8.59 19.53
C ASN B 121 -18.20 -9.00 18.28
N SER B 122 -17.62 -8.80 17.10
CA SER B 122 -18.07 -9.42 15.86
C SER B 122 -17.43 -10.80 15.78
N LYS B 123 -18.23 -11.84 15.99
CA LYS B 123 -17.75 -13.23 15.96
C LYS B 123 -17.56 -13.63 14.49
N ALA B 124 -16.40 -13.27 13.95
CA ALA B 124 -16.13 -13.51 12.54
C ALA B 124 -14.97 -14.48 12.32
N LYS B 125 -15.11 -15.70 12.82
CA LYS B 125 -14.07 -16.71 12.61
C LYS B 125 -14.05 -17.20 11.17
N VAL B 126 -15.20 -17.22 10.51
CA VAL B 126 -15.33 -17.72 9.15
C VAL B 126 -16.01 -16.64 8.31
N CYS B 127 -15.35 -16.20 7.24
CA CYS B 127 -15.88 -15.16 6.38
C CYS B 127 -15.68 -15.53 4.92
N THR B 128 -16.73 -15.30 4.12
CA THR B 128 -16.62 -15.45 2.68
C THR B 128 -15.94 -14.21 2.09
N ILE B 129 -15.77 -14.20 0.77
CA ILE B 129 -15.11 -13.08 0.10
C ILE B 129 -15.66 -12.96 -1.31
N ALA B 130 -15.86 -11.71 -1.75
CA ALA B 130 -16.30 -11.41 -3.10
C ALA B 130 -15.92 -9.97 -3.42
N VAL B 131 -15.57 -9.73 -4.68
CA VAL B 131 -15.22 -8.39 -5.14
C VAL B 131 -15.89 -8.12 -6.47
N GLY B 132 -16.09 -6.84 -6.75
CA GLY B 132 -16.70 -6.40 -7.99
C GLY B 132 -17.28 -5.02 -7.85
N GLU B 133 -17.26 -4.24 -8.94
CA GLU B 133 -17.84 -2.89 -8.95
C GLU B 133 -17.23 -2.02 -7.85
N LEU B 134 -15.90 -2.10 -7.71
CA LEU B 134 -15.14 -1.31 -6.73
C LEU B 134 -15.62 -1.53 -5.30
N THR B 135 -16.09 -2.75 -5.01
CA THR B 135 -16.63 -3.05 -3.70
C THR B 135 -16.16 -4.44 -3.26
N LEU B 136 -16.02 -4.61 -1.95
CA LEU B 136 -15.74 -5.90 -1.34
C LEU B 136 -16.93 -6.32 -0.49
N ALA B 137 -17.39 -7.56 -0.68
CA ALA B 137 -18.50 -8.12 0.09
C ALA B 137 -18.03 -9.36 0.82
N SER B 138 -18.53 -9.55 2.04
CA SER B 138 -18.14 -10.69 2.86
C SER B 138 -19.26 -11.04 3.82
N LEU B 139 -19.50 -12.34 3.99
CA LEU B 139 -20.45 -12.86 4.98
C LEU B 139 -19.66 -13.57 6.06
N CYS B 140 -19.89 -13.20 7.32
CA CYS B 140 -19.11 -13.70 8.43
C CYS B 140 -19.98 -14.38 9.47
N VAL B 141 -19.47 -15.49 10.00
CA VAL B 141 -20.10 -16.25 11.08
C VAL B 141 -19.00 -16.89 11.93
N GLU B 142 -19.32 -17.17 13.20
CA GLU B 142 -18.37 -17.89 14.03
C GLU B 142 -18.42 -19.39 13.73
N GLU B 143 -19.58 -20.00 13.90
CA GLU B 143 -19.78 -21.40 13.57
C GLU B 143 -20.13 -21.56 12.10
N SER B 144 -19.50 -22.54 11.45
CA SER B 144 -19.69 -22.75 10.03
C SER B 144 -21.13 -23.12 9.71
N THR B 145 -21.83 -23.79 10.63
CA THR B 145 -23.19 -24.25 10.39
C THR B 145 -24.17 -23.20 10.87
N VAL B 146 -24.92 -22.62 9.94
CA VAL B 146 -25.95 -21.62 10.26
C VAL B 146 -27.31 -22.29 10.13
N LEU B 147 -28.15 -22.16 11.15
CA LEU B 147 -29.47 -22.75 11.18
C LEU B 147 -30.52 -21.68 10.88
N LEU B 148 -31.58 -22.10 10.19
CA LEU B 148 -32.59 -21.21 9.63
C LEU B 148 -33.98 -21.66 10.06
N ASP B 149 -34.11 -22.08 11.32
CA ASP B 149 -35.27 -22.82 11.76
C ASP B 149 -35.99 -22.04 12.84
N HIS B 150 -36.07 -22.57 14.07
CA HIS B 150 -36.99 -22.09 15.08
C HIS B 150 -36.30 -21.77 16.40
N SER B 155 -29.24 -16.80 20.70
CA SER B 155 -28.52 -16.91 19.43
C SER B 155 -29.39 -17.48 18.33
N GLN B 156 -30.26 -16.64 17.76
CA GLN B 156 -31.04 -17.00 16.59
C GLN B 156 -30.23 -16.62 15.36
N ASP B 157 -29.74 -17.63 14.64
CA ASP B 157 -28.58 -17.49 13.75
C ASP B 157 -28.69 -16.38 12.72
N GLY B 158 -27.85 -15.36 12.90
CA GLY B 158 -27.70 -14.28 11.94
C GLY B 158 -26.32 -14.34 11.31
N ILE B 159 -26.17 -13.62 10.22
CA ILE B 159 -24.92 -13.56 9.49
C ILE B 159 -24.44 -12.12 9.47
N LEU B 160 -23.13 -11.93 9.62
CA LEU B 160 -22.53 -10.60 9.65
C LEU B 160 -22.18 -10.19 8.22
N VAL B 161 -22.97 -9.28 7.67
CA VAL B 161 -22.68 -8.71 6.35
C VAL B 161 -21.63 -7.63 6.52
N VAL B 162 -20.58 -7.70 5.71
CA VAL B 162 -19.47 -6.76 5.79
C VAL B 162 -19.17 -6.29 4.37
N THR B 163 -19.31 -4.99 4.13
CA THR B 163 -19.07 -4.39 2.83
C THR B 163 -18.01 -3.31 2.99
N LEU B 164 -17.07 -3.27 2.05
CA LEU B 164 -15.94 -2.36 2.12
C LEU B 164 -15.77 -1.64 0.79
N GLY B 165 -15.64 -0.31 0.86
CA GLY B 165 -15.45 0.48 -0.33
C GLY B 165 -14.02 0.44 -0.84
N ILE B 166 -13.84 0.97 -2.06
CA ILE B 166 -12.53 0.95 -2.69
C ILE B 166 -11.57 1.93 -2.01
N PHE B 167 -12.10 3.01 -1.41
CA PHE B 167 -11.26 4.05 -0.84
C PHE B 167 -11.98 4.72 0.32
N GLY B 168 -11.28 4.89 1.43
CA GLY B 168 -11.75 5.66 2.57
C GLY B 168 -13.07 5.17 3.15
N ALA B 169 -13.67 6.03 3.97
CA ALA B 169 -14.96 5.76 4.57
C ALA B 169 -16.06 6.27 3.64
N THR B 170 -16.94 5.39 3.24
CA THR B 170 -17.96 5.69 2.23
C THR B 170 -19.28 5.08 2.65
N PRO B 171 -20.39 5.58 2.10
CA PRO B 171 -21.66 4.84 2.25
C PRO B 171 -21.59 3.41 1.73
N MET B 172 -20.59 3.08 0.91
CA MET B 172 -20.40 1.69 0.50
C MET B 172 -20.09 0.79 1.68
N ASP B 173 -19.51 1.34 2.74
CA ASP B 173 -19.10 0.54 3.89
C ASP B 173 -20.30 0.10 4.72
N HIS B 174 -20.32 -1.17 5.09
CA HIS B 174 -21.39 -1.73 5.91
C HIS B 174 -20.80 -2.75 6.87
N ILE B 175 -21.26 -2.71 8.13
CA ILE B 175 -20.98 -3.75 9.11
C ILE B 175 -22.26 -4.01 9.89
N GLU B 176 -23.12 -4.88 9.36
CA GLU B 176 -24.44 -5.13 9.93
C GLU B 176 -24.64 -6.64 10.06
N LYS B 177 -25.36 -7.04 11.11
CA LYS B 177 -25.68 -8.43 11.37
C LYS B 177 -27.14 -8.68 10.95
N VAL B 178 -27.31 -9.45 9.88
CA VAL B 178 -28.60 -9.62 9.23
C VAL B 178 -29.13 -11.03 9.50
N ILE B 179 -30.44 -11.15 9.60
CA ILE B 179 -31.11 -12.44 9.73
C ILE B 179 -31.51 -12.89 8.33
N PRO B 180 -31.04 -14.04 7.86
CA PRO B 180 -31.26 -14.42 6.45
C PRO B 180 -32.72 -14.75 6.18
N VAL B 181 -33.17 -14.38 4.98
CA VAL B 181 -34.50 -14.73 4.50
C VAL B 181 -34.33 -15.91 3.55
N ALA B 182 -34.64 -17.10 4.02
CA ALA B 182 -34.45 -18.32 3.25
C ALA B 182 -35.80 -18.87 2.78
N HIS B 183 -35.71 -19.82 1.84
CA HIS B 183 -36.90 -20.45 1.31
C HIS B 183 -37.50 -21.41 2.34
N PRO B 184 -38.82 -21.51 2.41
CA PRO B 184 -39.43 -22.49 3.32
C PRO B 184 -39.60 -23.86 2.69
N SER B 185 -38.88 -24.85 3.22
CA SER B 185 -38.04 -24.65 4.38
C SER B 185 -36.64 -25.23 4.23
N MET B 186 -35.64 -24.37 4.30
CA MET B 186 -34.26 -24.81 4.49
C MET B 186 -33.96 -24.85 5.99
N GLU B 187 -33.06 -25.77 6.37
CA GLU B 187 -32.69 -25.93 7.76
C GLU B 187 -31.30 -25.38 8.08
N LYS B 188 -30.29 -25.75 7.30
CA LYS B 188 -28.92 -25.33 7.61
C LYS B 188 -28.19 -24.93 6.33
N ILE B 189 -27.12 -24.17 6.52
CA ILE B 189 -26.09 -23.95 5.51
C ILE B 189 -24.75 -24.06 6.21
N HIS B 190 -23.71 -24.42 5.45
CA HIS B 190 -22.38 -24.67 5.99
C HIS B 190 -21.39 -23.72 5.32
N ILE B 191 -21.03 -22.65 6.02
CA ILE B 191 -20.15 -21.62 5.49
C ILE B 191 -18.72 -21.92 5.94
N THR B 192 -17.84 -22.19 4.96
CA THR B 192 -16.42 -22.35 5.23
C THR B 192 -15.61 -21.42 4.32
N ASN B 193 -14.94 -21.99 3.32
CA ASN B 193 -14.16 -21.22 2.36
C ASN B 193 -14.96 -21.11 1.07
N HIS B 194 -15.46 -19.91 0.78
CA HIS B 194 -16.33 -19.70 -0.38
C HIS B 194 -15.99 -18.37 -1.03
N ARG B 195 -15.54 -18.42 -2.28
CA ARG B 195 -15.39 -17.23 -3.10
C ARG B 195 -16.66 -17.00 -3.91
N GLY B 196 -17.17 -15.77 -3.86
CA GLY B 196 -18.27 -15.36 -4.71
C GLY B 196 -17.84 -14.23 -5.62
N PHE B 197 -18.81 -13.50 -6.20
CA PHE B 197 -18.48 -12.31 -6.97
C PHE B 197 -19.68 -11.37 -6.96
N ILE B 198 -19.43 -10.13 -7.38
CA ILE B 198 -20.42 -9.07 -7.38
C ILE B 198 -20.70 -8.68 -8.83
N LYS B 199 -21.96 -8.78 -9.24
CA LYS B 199 -22.36 -8.38 -10.58
C LYS B 199 -23.77 -7.81 -10.52
N ASP B 200 -23.98 -6.74 -11.30
CA ASP B 200 -25.28 -6.04 -11.32
C ASP B 200 -25.72 -5.63 -9.93
N SER B 201 -24.76 -5.12 -9.14
CA SER B 201 -25.00 -4.68 -7.76
C SER B 201 -25.58 -5.80 -6.89
N ILE B 202 -25.17 -7.04 -7.16
CA ILE B 202 -25.60 -8.19 -6.37
C ILE B 202 -24.40 -9.08 -6.11
N ALA B 203 -24.15 -9.38 -4.84
CA ALA B 203 -23.09 -10.30 -4.45
C ALA B 203 -23.69 -11.68 -4.24
N THR B 204 -23.09 -12.70 -4.85
CA THR B 204 -23.62 -14.04 -4.83
C THR B 204 -22.55 -15.03 -4.36
N TRP B 205 -22.95 -15.93 -3.46
CA TRP B 205 -22.10 -17.02 -3.00
C TRP B 205 -22.87 -18.33 -3.15
N MET B 206 -22.12 -19.44 -3.09
CA MET B 206 -22.70 -20.77 -3.13
C MET B 206 -22.14 -21.58 -1.96
N VAL B 207 -23.02 -22.23 -1.22
CA VAL B 207 -22.63 -22.98 -0.02
C VAL B 207 -23.41 -24.27 0.05
N PRO B 208 -22.89 -25.26 0.77
CA PRO B 208 -23.66 -26.48 1.03
C PRO B 208 -24.86 -26.17 1.92
N ALA B 209 -26.02 -26.70 1.53
CA ALA B 209 -27.27 -26.45 2.23
C ALA B 209 -27.91 -27.77 2.65
N LEU B 210 -28.98 -27.64 3.45
CA LEU B 210 -29.75 -28.78 3.93
C LEU B 210 -31.22 -28.38 3.94
N ALA B 211 -32.07 -29.23 3.37
CA ALA B 211 -33.48 -28.90 3.22
C ALA B 211 -34.33 -30.16 3.35
N SER B 212 -35.61 -29.96 3.66
CA SER B 212 -36.55 -31.07 3.80
C SER B 212 -37.11 -31.54 2.46
N ASP B 213 -37.36 -30.61 1.54
CA ASP B 213 -38.16 -30.89 0.35
C ASP B 213 -37.42 -31.76 -0.66
N LYS B 214 -38.21 -32.58 -1.38
CA LYS B 214 -37.77 -33.26 -2.60
C LYS B 214 -36.46 -34.02 -2.42
N GLN B 215 -36.37 -34.74 -1.30
CA GLN B 215 -35.20 -35.54 -0.97
C GLN B 215 -35.21 -36.89 -1.67
N GLU B 216 -36.38 -37.51 -1.80
CA GLU B 216 -36.50 -38.87 -2.32
C GLU B 216 -35.89 -39.02 -3.71
N GLU B 217 -35.96 -37.98 -4.54
CA GLU B 217 -35.42 -38.11 -5.90
C GLU B 217 -33.93 -38.43 -5.90
N GLN B 218 -33.16 -37.78 -5.03
CA GLN B 218 -31.71 -38.03 -5.04
C GLN B 218 -31.30 -39.24 -4.23
N LYS B 219 -32.07 -39.66 -3.22
CA LYS B 219 -31.77 -40.94 -2.61
C LYS B 219 -31.97 -42.08 -3.61
N GLY B 220 -32.92 -41.93 -4.53
CA GLY B 220 -33.13 -42.96 -5.53
C GLY B 220 -32.04 -43.00 -6.57
N CYS B 221 -31.60 -41.82 -7.02
CA CYS B 221 -30.49 -41.78 -7.97
C CYS B 221 -29.19 -42.22 -7.31
N LEU B 222 -29.01 -41.89 -6.03
CA LEU B 222 -27.79 -42.27 -5.33
C LEU B 222 -27.71 -43.77 -5.11
N GLU B 223 -28.82 -44.39 -4.70
CA GLU B 223 -28.83 -45.83 -4.47
C GLU B 223 -28.75 -46.60 -5.78
N SER B 224 -29.28 -46.04 -6.85
CA SER B 224 -29.18 -46.62 -8.19
C SER B 224 -27.79 -46.44 -8.82
N ALA B 225 -26.88 -45.72 -8.16
CA ALA B 225 -25.55 -45.56 -8.75
C ALA B 225 -24.59 -46.68 -8.37
N CYS B 226 -24.68 -47.16 -7.13
CA CYS B 226 -23.89 -48.28 -6.65
C CYS B 226 -24.61 -49.61 -6.80
N GLN B 227 -25.74 -49.64 -7.49
CA GLN B 227 -26.44 -50.90 -7.71
C GLN B 227 -25.71 -51.78 -8.70
N ARG B 228 -24.68 -51.26 -9.39
CA ARG B 228 -23.82 -52.06 -10.25
C ARG B 228 -22.36 -52.08 -9.81
N LYS B 229 -21.94 -51.17 -8.93
CA LYS B 229 -20.53 -51.05 -8.56
C LYS B 229 -20.42 -50.33 -7.23
N THR B 230 -19.69 -50.93 -6.29
CA THR B 230 -19.59 -50.35 -4.95
C THR B 230 -18.66 -49.15 -4.94
N TYR B 231 -19.12 -48.08 -4.28
CA TYR B 231 -18.36 -46.87 -4.01
C TYR B 231 -18.36 -46.59 -2.52
N PRO B 232 -17.32 -45.92 -2.00
CA PRO B 232 -17.25 -45.68 -0.55
C PRO B 232 -18.28 -44.66 -0.09
N MET B 233 -19.46 -44.71 -0.70
CA MET B 233 -20.50 -43.69 -0.52
C MET B 233 -21.85 -44.31 -0.19
N CYS B 234 -22.08 -45.55 -0.63
CA CYS B 234 -23.35 -46.23 -0.43
C CYS B 234 -23.44 -47.02 0.87
N ASN B 235 -22.35 -47.13 1.60
CA ASN B 235 -22.41 -47.59 2.98
C ASN B 235 -22.51 -46.42 3.94
N GLN B 236 -22.27 -45.20 3.43
CA GLN B 236 -22.37 -43.98 4.23
C GLN B 236 -23.79 -43.81 4.76
N THR B 237 -23.92 -43.84 6.08
CA THR B 237 -25.16 -43.47 6.74
C THR B 237 -25.15 -42.01 7.19
N SER B 238 -24.02 -41.31 7.04
CA SER B 238 -23.87 -39.94 7.48
C SER B 238 -23.08 -39.17 6.44
N TRP B 239 -23.73 -38.23 5.76
CA TRP B 239 -23.02 -37.40 4.80
C TRP B 239 -22.34 -36.22 5.50
N GLU B 240 -21.36 -35.62 4.80
CA GLU B 240 -20.32 -34.86 5.48
C GLU B 240 -20.83 -33.60 6.19
N PRO B 241 -21.36 -32.60 5.48
CA PRO B 241 -21.46 -31.26 6.10
C PRO B 241 -22.35 -31.19 7.33
N PHE B 242 -23.51 -31.85 7.33
CA PHE B 242 -24.42 -31.77 8.46
C PHE B 242 -24.57 -33.09 9.21
N GLY B 243 -23.79 -34.11 8.83
CA GLY B 243 -23.74 -35.37 9.54
C GLY B 243 -25.00 -36.21 9.55
N GLY B 244 -26.12 -35.69 9.07
CA GLY B 244 -27.37 -36.43 9.10
C GLY B 244 -27.48 -37.44 7.97
N ARG B 245 -28.68 -38.02 7.86
CA ARG B 245 -28.97 -39.02 6.86
C ARG B 245 -29.68 -38.42 5.64
N GLN B 246 -29.54 -37.12 5.44
CA GLN B 246 -30.10 -36.46 4.27
C GLN B 246 -28.97 -35.72 3.56
N LEU B 247 -28.89 -35.89 2.22
CA LEU B 247 -27.86 -35.39 1.33
C LEU B 247 -27.92 -33.87 1.25
N PRO B 248 -26.76 -33.21 1.31
CA PRO B 248 -26.74 -31.75 1.18
C PRO B 248 -27.11 -31.32 -0.23
N SER B 249 -27.70 -30.14 -0.31
CA SER B 249 -28.06 -29.52 -1.58
C SER B 249 -27.19 -28.29 -1.83
N TYR B 250 -27.43 -27.63 -2.95
CA TYR B 250 -26.71 -26.41 -3.30
C TYR B 250 -27.51 -25.21 -2.84
N GLY B 251 -26.88 -24.34 -2.05
CA GLY B 251 -27.50 -23.15 -1.52
C GLY B 251 -26.89 -21.89 -2.14
N ARG B 252 -27.74 -20.96 -2.51
CA ARG B 252 -27.32 -19.72 -3.15
C ARG B 252 -27.57 -18.56 -2.21
N LEU B 253 -26.50 -17.88 -1.81
CA LEU B 253 -26.60 -16.72 -0.92
C LEU B 253 -26.55 -15.47 -1.77
N THR B 254 -27.66 -14.73 -1.80
CA THR B 254 -27.79 -13.52 -2.60
C THR B 254 -27.85 -12.30 -1.70
N LEU B 255 -27.00 -11.31 -1.98
CA LEU B 255 -26.93 -10.08 -1.19
C LEU B 255 -26.92 -8.87 -2.10
N PRO B 256 -28.01 -8.11 -2.20
CA PRO B 256 -27.96 -6.86 -2.98
C PRO B 256 -27.16 -5.80 -2.25
N LEU B 257 -26.43 -5.01 -3.02
CA LEU B 257 -25.62 -3.92 -2.46
C LEU B 257 -26.21 -2.55 -2.77
N ASP B 258 -27.44 -2.49 -3.26
CA ASP B 258 -28.10 -1.21 -3.47
C ASP B 258 -28.48 -0.59 -2.13
N ALA B 259 -28.28 0.72 -2.00
CA ALA B 259 -28.70 1.43 -0.79
C ALA B 259 -30.18 1.79 -0.82
N SER B 260 -30.87 1.51 -1.93
CA SER B 260 -32.29 1.78 -2.04
C SER B 260 -33.09 1.04 -0.98
N VAL B 261 -32.65 -0.16 -0.60
CA VAL B 261 -33.29 -0.95 0.43
C VAL B 261 -32.25 -1.38 1.45
N ASP B 262 -32.71 -1.66 2.66
CA ASP B 262 -31.82 -2.14 3.70
C ASP B 262 -31.33 -3.54 3.33
N LEU B 263 -30.20 -3.93 3.91
CA LEU B 263 -29.59 -5.19 3.53
C LEU B 263 -30.49 -6.35 3.92
N GLN B 264 -30.62 -7.30 2.99
CA GLN B 264 -31.39 -8.52 3.20
C GLN B 264 -30.62 -9.66 2.57
N LEU B 265 -30.58 -10.80 3.24
CA LEU B 265 -29.80 -11.95 2.79
C LEU B 265 -30.78 -12.99 2.28
N ASN B 266 -30.89 -13.08 0.96
CA ASN B 266 -31.75 -14.06 0.32
C ASN B 266 -31.02 -15.39 0.19
N ILE B 267 -31.67 -16.48 0.59
CA ILE B 267 -31.06 -17.80 0.52
C ILE B 267 -32.01 -18.72 -0.24
N SER B 268 -31.53 -19.25 -1.36
CA SER B 268 -32.27 -20.23 -2.15
C SER B 268 -31.53 -21.56 -2.11
N PHE B 269 -32.17 -22.60 -2.64
CA PHE B 269 -31.58 -23.92 -2.64
C PHE B 269 -32.10 -24.73 -3.82
N THR B 270 -31.25 -25.63 -4.31
CA THR B 270 -31.60 -26.52 -5.40
C THR B 270 -30.68 -27.75 -5.31
N TYR B 271 -31.22 -28.91 -5.67
CA TYR B 271 -30.44 -30.13 -5.72
C TYR B 271 -29.81 -30.28 -7.10
N GLY B 272 -28.60 -30.83 -7.13
CA GLY B 272 -27.87 -31.06 -8.36
C GLY B 272 -27.06 -32.34 -8.24
N PRO B 273 -25.86 -32.35 -8.84
CA PRO B 273 -24.95 -33.48 -8.62
C PRO B 273 -24.72 -33.72 -7.13
N VAL B 274 -24.52 -34.99 -6.77
CA VAL B 274 -24.40 -35.35 -5.36
C VAL B 274 -23.17 -34.68 -4.76
N ILE B 275 -23.36 -34.00 -3.63
CA ILE B 275 -22.29 -33.31 -2.94
C ILE B 275 -21.63 -34.25 -1.95
N LEU B 276 -20.34 -34.52 -2.13
CA LEU B 276 -19.57 -35.33 -1.20
C LEU B 276 -18.54 -34.52 -0.41
N ASN B 277 -18.31 -33.27 -0.78
CA ASN B 277 -17.36 -32.39 -0.07
C ASN B 277 -18.09 -31.12 0.32
N GLY B 278 -18.31 -30.95 1.62
CA GLY B 278 -18.92 -29.75 2.16
C GLY B 278 -17.98 -28.70 2.68
N ASP B 279 -16.67 -28.90 2.53
CA ASP B 279 -15.68 -27.96 3.04
C ASP B 279 -15.13 -27.07 1.92
N GLY B 280 -16.04 -26.32 1.30
CA GLY B 280 -15.66 -25.41 0.24
C GLY B 280 -16.57 -25.45 -0.95
N MET B 281 -16.92 -24.28 -1.49
CA MET B 281 -17.78 -24.18 -2.67
C MET B 281 -17.66 -22.77 -3.22
N ASP B 282 -16.88 -22.61 -4.29
CA ASP B 282 -16.60 -21.30 -4.89
C ASP B 282 -17.48 -21.06 -6.10
N TYR B 283 -17.53 -19.79 -6.54
CA TYR B 283 -18.46 -19.37 -7.57
C TYR B 283 -17.83 -18.29 -8.43
N TYR B 284 -17.63 -18.59 -9.71
CA TYR B 284 -16.97 -17.70 -10.66
C TYR B 284 -17.96 -17.25 -11.74
N GLU B 285 -17.68 -16.10 -12.33
CA GLU B 285 -18.56 -15.54 -13.35
C GLU B 285 -18.42 -16.31 -14.66
N SER B 286 -19.52 -16.36 -15.42
CA SER B 286 -19.62 -17.13 -16.65
C SER B 286 -20.07 -16.25 -17.80
N PRO B 287 -19.70 -16.60 -19.04
CA PRO B 287 -20.25 -15.87 -20.19
C PRO B 287 -21.76 -15.98 -20.34
N LEU B 288 -22.35 -17.05 -19.82
CA LEU B 288 -23.81 -17.20 -19.85
C LEU B 288 -24.49 -16.13 -19.00
N LEU B 289 -25.56 -15.56 -19.54
CA LEU B 289 -26.29 -14.51 -18.86
C LEU B 289 -26.93 -15.05 -17.59
N ASN B 290 -26.77 -14.31 -16.49
CA ASN B 290 -27.37 -14.66 -15.20
C ASN B 290 -26.93 -16.05 -14.74
N SER B 291 -25.71 -16.45 -15.07
CA SER B 291 -25.21 -17.75 -14.67
C SER B 291 -23.76 -17.61 -14.20
N GLY B 292 -23.23 -18.71 -13.67
CA GLY B 292 -21.86 -18.76 -13.20
C GLY B 292 -21.40 -20.20 -13.06
N TRP B 293 -20.15 -20.35 -12.64
CA TRP B 293 -19.52 -21.66 -12.46
C TRP B 293 -19.36 -21.95 -10.97
N LEU B 294 -20.14 -22.92 -10.49
CA LEU B 294 -20.05 -23.38 -9.10
C LEU B 294 -19.07 -24.55 -9.05
N THR B 295 -17.94 -24.36 -8.38
CA THR B 295 -16.89 -25.36 -8.29
C THR B 295 -16.77 -25.83 -6.85
N ILE B 296 -16.47 -27.13 -6.69
CA ILE B 296 -16.32 -27.75 -5.39
C ILE B 296 -14.92 -28.38 -5.34
N PRO B 297 -14.15 -28.17 -4.28
CA PRO B 297 -12.76 -28.64 -4.28
C PRO B 297 -12.67 -30.14 -4.14
N PRO B 298 -11.52 -30.71 -4.49
CA PRO B 298 -11.31 -32.15 -4.30
C PRO B 298 -11.01 -32.50 -2.85
N LYS B 299 -10.97 -33.80 -2.59
CA LYS B 299 -10.67 -34.36 -1.28
C LYS B 299 -9.56 -35.39 -1.43
N ASN B 300 -8.87 -35.63 -0.31
CA ASN B 300 -7.80 -36.62 -0.22
C ASN B 300 -8.13 -37.94 -0.93
N GLY B 301 -7.09 -38.64 -1.38
CA GLY B 301 -7.28 -39.79 -2.24
C GLY B 301 -7.45 -39.33 -3.67
N THR B 302 -8.57 -39.68 -4.31
CA THR B 302 -8.88 -39.10 -5.61
C THR B 302 -10.37 -38.80 -5.73
N ILE B 303 -11.04 -38.57 -4.60
CA ILE B 303 -12.38 -38.00 -4.61
C ILE B 303 -12.26 -36.58 -5.11
N PHE B 304 -12.39 -36.39 -6.42
CA PHE B 304 -12.05 -35.13 -7.04
C PHE B 304 -13.20 -34.13 -6.98
N GLY B 305 -12.87 -32.87 -7.24
CA GLY B 305 -13.84 -31.81 -7.31
C GLY B 305 -14.62 -31.81 -8.61
N LEU B 306 -15.67 -31.00 -8.62
CA LEU B 306 -16.59 -30.90 -9.75
C LEU B 306 -16.86 -29.42 -10.05
N ILE B 307 -17.24 -29.17 -11.31
CA ILE B 307 -17.64 -27.84 -11.76
C ILE B 307 -19.04 -27.94 -12.34
N ASN B 308 -19.95 -27.10 -11.85
CA ASN B 308 -21.34 -27.08 -12.29
C ASN B 308 -21.72 -25.68 -12.75
N LYS B 309 -22.67 -25.63 -13.69
CA LYS B 309 -23.31 -24.38 -14.08
C LYS B 309 -24.41 -24.05 -13.08
N ALA B 310 -24.32 -22.86 -12.47
CA ALA B 310 -25.25 -22.43 -11.43
C ALA B 310 -25.94 -21.15 -11.87
N GLY B 311 -27.27 -21.13 -11.76
CA GLY B 311 -28.03 -19.95 -12.14
C GLY B 311 -27.97 -18.87 -11.06
N ARG B 312 -27.83 -17.63 -11.52
CA ARG B 312 -27.71 -16.48 -10.62
C ARG B 312 -28.90 -15.52 -10.70
N GLY B 313 -29.86 -15.78 -11.58
CA GLY B 313 -31.04 -14.93 -11.71
C GLY B 313 -32.20 -15.35 -10.83
N ASP B 314 -33.43 -15.17 -11.32
CA ASP B 314 -34.60 -15.57 -10.55
C ASP B 314 -34.66 -17.08 -10.40
N GLN B 315 -34.21 -17.81 -11.43
CA GLN B 315 -34.16 -19.26 -11.40
C GLN B 315 -32.81 -19.72 -10.86
N PHE B 316 -32.84 -20.58 -9.85
CA PHE B 316 -31.64 -21.17 -9.27
C PHE B 316 -31.57 -22.62 -9.71
N THR B 317 -30.69 -22.91 -10.67
CA THR B 317 -30.49 -24.26 -11.17
C THR B 317 -29.01 -24.59 -11.14
N VAL B 318 -28.68 -25.77 -10.62
CA VAL B 318 -27.31 -26.26 -10.58
C VAL B 318 -27.23 -27.47 -11.50
N ILE B 319 -26.45 -27.34 -12.57
CA ILE B 319 -26.38 -28.37 -13.60
C ILE B 319 -24.92 -28.71 -13.87
N PRO B 320 -24.56 -29.99 -13.91
CA PRO B 320 -23.15 -30.34 -14.03
C PRO B 320 -22.56 -29.91 -15.37
N GLN B 321 -21.33 -29.39 -15.32
CA GLN B 321 -20.57 -29.07 -16.52
C GLN B 321 -19.48 -30.10 -16.80
N VAL B 322 -18.55 -30.29 -15.85
CA VAL B 322 -17.50 -31.28 -15.96
C VAL B 322 -17.31 -32.00 -14.63
N LEU B 323 -16.57 -33.11 -14.69
CA LEU B 323 -16.05 -33.86 -13.54
C LEU B 323 -17.10 -34.65 -12.78
N THR B 324 -18.24 -34.94 -13.40
CA THR B 324 -19.25 -35.82 -12.83
C THR B 324 -19.73 -36.79 -13.90
N PHE B 325 -19.88 -38.06 -13.52
CA PHE B 325 -20.38 -39.08 -14.42
C PHE B 325 -21.84 -39.38 -14.12
N ALA B 326 -22.44 -40.23 -14.94
CA ALA B 326 -23.85 -40.60 -14.81
C ALA B 326 -23.97 -42.11 -14.73
N PRO B 327 -24.28 -42.67 -13.56
CA PRO B 327 -24.43 -44.12 -13.43
C PRO B 327 -25.53 -44.68 -14.32
N ARG B 328 -26.78 -44.45 -13.96
CA ARG B 328 -27.92 -44.88 -14.76
C ARG B 328 -28.28 -43.79 -15.77
N ALA B 329 -28.83 -44.22 -16.90
CA ALA B 329 -29.22 -43.29 -17.96
C ALA B 329 -30.69 -42.89 -17.82
N CYS B 334 -29.53 -38.11 -11.44
CA CYS B 334 -28.47 -37.21 -10.97
C CYS B 334 -27.09 -37.70 -11.40
N TYR B 335 -26.06 -36.93 -11.05
CA TYR B 335 -24.68 -37.22 -11.42
C TYR B 335 -23.83 -37.35 -10.17
N LEU B 336 -22.70 -38.04 -10.32
CA LEU B 336 -21.80 -38.32 -9.21
C LEU B 336 -20.36 -37.98 -9.59
N PRO B 337 -19.57 -37.49 -8.63
CA PRO B 337 -18.18 -37.15 -8.93
C PRO B 337 -17.28 -38.38 -9.01
N ILE B 338 -16.10 -38.16 -9.57
CA ILE B 338 -15.15 -39.24 -9.82
C ILE B 338 -14.32 -39.48 -8.56
N GLN B 339 -14.15 -40.75 -8.20
CA GLN B 339 -13.33 -41.12 -7.04
C GLN B 339 -12.20 -42.06 -7.46
N ASP B 347 1.57 -38.53 -4.42
CA ASP B 347 2.50 -37.73 -3.63
C ASP B 347 2.03 -36.28 -3.53
N VAL B 348 0.72 -36.07 -3.49
CA VAL B 348 0.12 -34.77 -3.28
C VAL B 348 -0.46 -34.75 -1.87
N LEU B 349 0.06 -33.85 -1.04
CA LEU B 349 -0.30 -33.85 0.38
C LEU B 349 -1.60 -33.09 0.61
N ILE B 350 -1.65 -31.83 0.23
CA ILE B 350 -2.88 -31.05 0.31
C ILE B 350 -3.24 -30.56 -1.08
N GLU B 351 -4.55 -30.36 -1.27
CA GLU B 351 -5.06 -29.59 -2.41
C GLU B 351 -6.52 -29.20 -2.25
N SER B 352 -6.79 -27.90 -2.38
CA SER B 352 -8.13 -27.35 -2.45
C SER B 352 -8.16 -26.25 -3.50
N ASN B 353 -9.38 -25.84 -3.86
CA ASN B 353 -9.69 -24.66 -4.67
C ASN B 353 -9.61 -24.90 -6.17
N LEU B 354 -10.76 -25.12 -6.80
CA LEU B 354 -10.90 -25.28 -8.23
C LEU B 354 -11.31 -23.92 -8.82
N VAL B 355 -10.47 -23.38 -9.71
CA VAL B 355 -10.62 -22.01 -10.21
C VAL B 355 -10.95 -22.05 -11.70
N VAL B 356 -12.11 -21.48 -12.07
CA VAL B 356 -12.49 -21.28 -13.45
C VAL B 356 -11.92 -19.95 -13.94
N LEU B 357 -11.18 -19.99 -15.06
CA LEU B 357 -10.53 -18.80 -15.57
C LEU B 357 -11.54 -17.82 -16.16
N PRO B 358 -11.29 -16.49 -16.03
CA PRO B 358 -12.18 -15.46 -16.59
C PRO B 358 -12.01 -15.26 -18.10
N THR B 359 -12.15 -16.35 -18.85
CA THR B 359 -12.09 -16.32 -20.31
C THR B 359 -13.46 -16.61 -20.90
N GLN B 360 -13.57 -16.39 -22.21
CA GLN B 360 -14.78 -16.81 -22.92
C GLN B 360 -14.81 -18.32 -23.09
N SER B 361 -13.66 -18.92 -23.41
CA SER B 361 -13.54 -20.37 -23.45
C SER B 361 -13.47 -20.92 -22.03
N PHE B 362 -14.05 -22.11 -21.85
CA PHE B 362 -14.12 -22.72 -20.52
C PHE B 362 -12.81 -23.41 -20.22
N ARG B 363 -12.08 -22.89 -19.24
CA ARG B 363 -10.83 -23.47 -18.78
C ARG B 363 -10.78 -23.32 -17.26
N TYR B 364 -10.21 -24.30 -16.57
CA TYR B 364 -10.11 -24.24 -15.13
C TYR B 364 -8.73 -24.67 -14.68
N VAL B 365 -8.37 -24.24 -13.47
CA VAL B 365 -7.02 -24.39 -12.93
C VAL B 365 -7.10 -25.03 -11.55
N ILE B 366 -6.13 -25.88 -11.25
CA ILE B 366 -5.95 -26.45 -9.92
C ILE B 366 -4.46 -26.69 -9.72
N ALA B 367 -3.93 -26.27 -8.57
CA ALA B 367 -2.52 -26.44 -8.25
C ALA B 367 -2.38 -27.37 -7.05
N THR B 368 -1.37 -28.24 -7.06
CA THR B 368 -1.20 -29.22 -6.01
C THR B 368 0.15 -29.07 -5.34
N TYR B 369 0.22 -29.50 -4.08
CA TYR B 369 1.48 -29.56 -3.33
C TYR B 369 2.09 -30.94 -3.58
N ASP B 370 3.04 -30.98 -4.51
CA ASP B 370 3.65 -32.23 -4.96
C ASP B 370 5.02 -32.40 -4.32
N ILE B 371 5.33 -33.62 -3.91
CA ILE B 371 6.61 -33.92 -3.28
C ILE B 371 7.35 -35.02 -4.03
N SER B 372 6.99 -35.25 -5.30
CA SER B 372 7.62 -36.30 -6.08
C SER B 372 9.03 -35.95 -6.51
N ARG B 373 9.44 -34.68 -6.39
CA ARG B 373 10.76 -34.26 -6.85
C ARG B 373 11.67 -33.93 -5.66
N ASP B 375 13.14 -31.16 -5.23
CA ASP B 375 12.51 -30.15 -4.39
C ASP B 375 11.00 -30.32 -4.34
N HIS B 376 10.38 -29.74 -3.32
CA HIS B 376 8.93 -29.65 -3.30
C HIS B 376 8.46 -28.71 -4.42
N ALA B 377 7.20 -28.86 -4.81
CA ALA B 377 6.69 -28.05 -5.91
C ALA B 377 5.20 -27.79 -5.74
N ILE B 378 4.77 -26.62 -6.20
CA ILE B 378 3.36 -26.32 -6.41
C ILE B 378 3.12 -26.41 -7.91
N VAL B 379 2.50 -27.48 -8.35
CA VAL B 379 2.29 -27.73 -9.78
C VAL B 379 0.84 -27.41 -10.13
N TYR B 380 0.66 -26.51 -11.09
CA TYR B 380 -0.65 -26.13 -11.57
C TYR B 380 -1.08 -27.02 -12.73
N TYR B 381 -2.37 -27.35 -12.77
CA TYR B 381 -2.96 -28.09 -13.87
C TYR B 381 -4.05 -27.22 -14.47
N VAL B 382 -3.91 -26.89 -15.75
CA VAL B 382 -4.86 -26.05 -16.46
C VAL B 382 -5.54 -26.91 -17.53
N TYR B 383 -6.83 -27.16 -17.35
CA TYR B 383 -7.59 -28.03 -18.24
C TYR B 383 -8.41 -27.20 -19.22
N ASP B 384 -8.17 -27.40 -20.51
CA ASP B 384 -9.03 -26.90 -21.57
C ASP B 384 -9.79 -28.08 -22.17
N PRO B 385 -11.02 -28.36 -21.74
CA PRO B 385 -11.67 -29.62 -22.13
C PRO B 385 -12.23 -29.65 -23.54
N ILE B 386 -12.50 -28.50 -24.15
CA ILE B 386 -13.02 -28.48 -25.52
C ILE B 386 -12.05 -29.16 -26.47
N ARG B 387 -10.78 -28.74 -26.44
CA ARG B 387 -9.74 -29.38 -27.22
C ARG B 387 -9.16 -30.61 -26.54
N THR B 388 -9.73 -31.00 -25.39
CA THR B 388 -9.29 -32.17 -24.62
C THR B 388 -7.78 -32.14 -24.40
N ILE B 389 -7.30 -31.02 -23.88
CA ILE B 389 -5.89 -30.81 -23.60
C ILE B 389 -5.75 -30.28 -22.18
N SER B 390 -4.61 -30.58 -21.56
CA SER B 390 -4.34 -30.15 -20.20
C SER B 390 -2.87 -29.79 -20.08
N TYR B 391 -2.58 -28.54 -19.72
CA TYR B 391 -1.23 -28.08 -19.50
C TYR B 391 -0.88 -28.18 -18.00
N THR B 392 0.40 -28.36 -17.73
CA THR B 392 0.89 -28.51 -16.37
C THR B 392 2.20 -27.75 -16.22
N HIS B 393 2.42 -27.19 -15.03
CA HIS B 393 3.68 -26.53 -14.72
C HIS B 393 3.99 -26.58 -13.23
N PRO B 394 5.20 -27.00 -12.85
CA PRO B 394 5.57 -27.00 -11.43
C PRO B 394 6.35 -25.76 -11.02
N PHE B 395 6.14 -25.30 -9.79
CA PHE B 395 6.94 -24.24 -9.18
C PHE B 395 7.72 -24.83 -8.03
N ARG B 396 9.02 -25.04 -8.23
CA ARG B 396 9.84 -25.67 -7.19
C ARG B 396 10.04 -24.71 -6.01
N LEU B 397 9.97 -25.27 -4.81
CA LEU B 397 10.04 -24.49 -3.57
C LEU B 397 11.46 -24.50 -3.00
N THR B 398 11.99 -23.31 -2.72
CA THR B 398 13.24 -23.24 -1.99
C THR B 398 13.09 -23.80 -0.58
N THR B 399 11.91 -23.66 0.00
CA THR B 399 11.59 -24.18 1.32
C THR B 399 11.10 -25.62 1.22
N LYS B 400 11.13 -26.32 2.35
CA LYS B 400 10.60 -27.66 2.47
C LYS B 400 9.80 -27.79 3.75
N GLY B 401 8.85 -28.72 3.76
CA GLY B 401 7.91 -28.84 4.85
C GLY B 401 6.65 -29.53 4.37
N ARG B 402 5.64 -29.53 5.24
CA ARG B 402 4.37 -30.17 4.95
C ARG B 402 3.24 -29.16 5.09
N PRO B 403 2.31 -29.10 4.14
CA PRO B 403 1.37 -27.99 4.09
C PRO B 403 0.11 -28.22 4.91
N ASP B 404 -0.44 -27.09 5.38
CA ASP B 404 -1.73 -27.07 6.05
C ASP B 404 -2.84 -26.39 5.25
N PHE B 405 -2.50 -25.60 4.24
CA PHE B 405 -3.49 -24.86 3.49
C PHE B 405 -2.91 -24.48 2.13
N LEU B 406 -3.77 -24.46 1.10
CA LEU B 406 -3.38 -24.00 -0.22
C LEU B 406 -4.58 -23.36 -0.89
N ARG B 407 -4.38 -22.16 -1.46
CA ARG B 407 -5.48 -21.40 -2.04
C ARG B 407 -4.96 -20.59 -3.22
N ILE B 408 -5.62 -20.72 -4.37
CA ILE B 408 -5.22 -20.03 -5.59
C ILE B 408 -6.39 -19.21 -6.12
N GLU B 409 -6.05 -18.09 -6.76
CA GLU B 409 -7.03 -17.24 -7.43
C GLU B 409 -6.37 -16.70 -8.69
N CYS B 410 -6.87 -17.11 -9.86
CA CYS B 410 -6.19 -16.86 -11.11
C CYS B 410 -6.94 -15.87 -11.98
N PHE B 411 -6.19 -15.18 -12.84
CA PHE B 411 -6.71 -14.15 -13.72
C PHE B 411 -5.80 -14.04 -14.93
N VAL B 412 -6.27 -13.34 -15.95
CA VAL B 412 -5.50 -13.11 -17.18
C VAL B 412 -4.95 -11.70 -17.16
N TRP B 413 -3.68 -11.56 -17.53
CA TRP B 413 -2.97 -10.29 -17.53
C TRP B 413 -2.03 -10.28 -18.73
N ASP B 414 -2.32 -9.42 -19.70
CA ASP B 414 -1.59 -9.36 -20.97
C ASP B 414 -1.61 -10.72 -21.65
N ASP B 415 -2.81 -11.28 -21.78
CA ASP B 415 -3.03 -12.58 -22.41
C ASP B 415 -2.13 -13.67 -21.83
N ASN B 416 -1.83 -13.56 -20.54
CA ASN B 416 -0.99 -14.52 -19.83
C ASN B 416 -1.71 -14.99 -18.58
N LEU B 417 -1.43 -16.22 -18.17
CA LEU B 417 -2.09 -16.82 -17.02
C LEU B 417 -1.33 -16.45 -15.74
N TRP B 418 -2.01 -15.73 -14.86
CA TRP B 418 -1.47 -15.34 -13.56
C TRP B 418 -2.32 -15.94 -12.45
N CYS B 419 -1.68 -16.36 -11.37
CA CYS B 419 -2.40 -16.90 -10.22
C CYS B 419 -1.82 -16.33 -8.94
N HIS B 420 -2.69 -15.78 -8.09
CA HIS B 420 -2.32 -15.44 -6.73
C HIS B 420 -2.46 -16.67 -5.86
N GLN B 421 -1.36 -17.12 -5.26
CA GLN B 421 -1.36 -18.30 -4.41
C GLN B 421 -0.95 -17.95 -2.99
N PHE B 422 -1.68 -18.50 -2.02
CA PHE B 422 -1.36 -18.41 -0.60
C PHE B 422 -1.42 -19.80 0.00
N TYR B 423 -0.32 -20.24 0.60
CA TYR B 423 -0.30 -21.54 1.27
C TYR B 423 0.33 -21.42 2.65
N ARG B 424 -0.06 -22.36 3.51
CA ARG B 424 0.39 -22.41 4.90
C ARG B 424 0.95 -23.80 5.16
N PHE B 425 2.19 -23.86 5.63
CA PHE B 425 2.88 -25.13 5.82
C PHE B 425 3.67 -25.09 7.12
N GLU B 426 3.87 -26.27 7.70
CA GLU B 426 4.66 -26.41 8.91
C GLU B 426 6.00 -27.04 8.56
N ALA B 427 7.07 -26.39 8.98
CA ALA B 427 8.43 -26.73 8.58
C ALA B 427 8.99 -27.88 9.41
N ASN B 428 9.99 -28.55 8.83
CA ASN B 428 10.72 -29.59 9.54
C ASN B 428 11.58 -29.01 10.66
N ILE B 429 11.89 -27.72 10.61
CA ILE B 429 12.83 -27.11 11.55
C ILE B 429 12.17 -26.18 12.55
N ALA B 430 10.91 -25.80 12.34
CA ALA B 430 10.24 -24.85 13.22
C ALA B 430 9.20 -25.55 14.08
N ASN B 431 8.62 -24.77 15.00
CA ASN B 431 7.52 -25.24 15.84
C ASN B 431 6.17 -24.69 15.40
N SER B 432 6.16 -23.51 14.79
CA SER B 432 4.95 -22.84 14.34
C SER B 432 4.82 -22.97 12.82
N THR B 433 3.68 -22.53 12.32
CA THR B 433 3.33 -22.67 10.91
C THR B 433 3.66 -21.39 10.15
N THR B 434 4.30 -21.54 9.00
CA THR B 434 4.72 -20.42 8.17
C THR B 434 3.71 -20.19 7.06
N SER B 435 3.42 -18.92 6.78
CA SER B 435 2.50 -18.53 5.71
C SER B 435 3.26 -17.91 4.55
N VAL B 436 2.86 -18.28 3.34
CA VAL B 436 3.51 -17.80 2.11
C VAL B 436 2.42 -17.29 1.16
N GLU B 437 2.72 -16.20 0.46
CA GLU B 437 1.81 -15.60 -0.50
C GLU B 437 2.61 -14.90 -1.57
N ASN B 438 2.30 -15.19 -2.84
CA ASN B 438 2.99 -14.57 -3.96
C ASN B 438 2.19 -14.78 -5.23
N LEU B 439 2.56 -14.02 -6.27
CA LEU B 439 1.97 -14.13 -7.60
C LEU B 439 2.85 -14.99 -8.49
N VAL B 440 2.20 -15.83 -9.29
CA VAL B 440 2.91 -16.67 -10.25
C VAL B 440 2.30 -16.48 -11.63
N ARG B 441 3.13 -16.61 -12.65
CA ARG B 441 2.69 -16.52 -14.03
C ARG B 441 3.15 -17.77 -14.78
N MET B 442 2.32 -18.20 -15.72
CA MET B 442 2.63 -19.38 -16.53
C MET B 442 2.42 -19.05 -18.00
N ARG B 443 3.44 -19.32 -18.80
CA ARG B 443 3.37 -19.19 -20.24
C ARG B 443 3.58 -20.56 -20.87
N PHE B 444 2.92 -20.79 -21.99
CA PHE B 444 2.95 -22.09 -22.65
C PHE B 444 3.35 -21.88 -24.09
N SER B 445 4.32 -22.67 -24.56
CA SER B 445 4.90 -22.46 -25.88
C SER B 445 5.31 -23.80 -26.46
N CYS B 446 5.86 -23.77 -27.66
CA CYS B 446 6.28 -24.97 -28.34
C CYS B 446 7.80 -25.09 -28.39
#